data_4JLZ
#
_entry.id   4JLZ
#
_cell.length_a   80.560
_cell.length_b   97.693
_cell.length_c   106.959
_cell.angle_alpha   90.00
_cell.angle_beta   90.00
_cell.angle_gamma   90.00
#
_symmetry.space_group_name_H-M   'P 21 21 21'
#
loop_
_entity.id
_entity.type
_entity.pdbx_description
1 polymer 'Uncharacterized protein'
2 non-polymer 'ZINC ION'
3 non-polymer 'MAGNESIUM ION'
4 non-polymer "URIDINE 5'-TRIPHOSPHATE"
5 water water
#
_entity_poly.entity_id   1
_entity_poly.type   'polypeptide(L)'
_entity_poly.pdbx_seq_one_letter_code
;GAMGAWKLQTVLEKVRLSRHEISEAAEVVNWVVEHLLRRLQGGESEFKGVALLRTGSYYERVKISAPNEFDVMFKLEVPR
IQLEEYCNSGAHYFVKFKRNPGGNPLEQFLEKEILSASKMLSKFRKIIKEEIKNIEDTGVTVERKRRGSPAVTLLISKPK
EISVDIILALESKSSWPASTQKGLPISQWLGAKVKNNLKRQPFYLVPKHAKEGSGFQEETWRLSFSHIEKDILKNHGQSK
TCCEIDGVKCCRKECLKLMKYLLEQLKKKFGNRRELAKFCSYHVKTAFFHVCTQDPHDNQWHLKNLECCFDNCVAYFLQC
LKTEQLANYFIPGVNLFSRDLIDKPSKEFLSKQIEYERNNGFPVFW
;
_entity_poly.pdbx_strand_id   A,B
#
# COMPACT_ATOMS: atom_id res chain seq x y z
N GLY A 4 4.45 28.01 -14.21
CA GLY A 4 4.81 26.91 -15.10
C GLY A 4 3.59 26.13 -15.53
N ALA A 5 3.50 25.83 -16.83
CA ALA A 5 2.32 25.16 -17.37
C ALA A 5 2.09 23.74 -16.83
N TRP A 6 3.19 23.01 -16.59
CA TRP A 6 3.09 21.65 -16.05
C TRP A 6 2.71 21.61 -14.57
N LYS A 7 2.84 22.77 -13.91
CA LYS A 7 2.61 22.90 -12.47
C LYS A 7 3.29 21.78 -11.66
N LEU A 8 4.58 21.58 -11.90
CA LEU A 8 5.35 20.51 -11.26
C LEU A 8 5.50 20.68 -9.74
N GLN A 9 5.46 21.91 -9.26
CA GLN A 9 5.49 22.17 -7.81
C GLN A 9 4.26 21.58 -7.11
N THR A 10 3.14 21.61 -7.80
CA THR A 10 1.91 21.02 -7.27
C THR A 10 2.01 19.51 -7.27
N VAL A 11 2.66 18.94 -8.29
CA VAL A 11 2.89 17.49 -8.31
C VAL A 11 3.81 17.07 -7.16
N LEU A 12 4.90 17.80 -6.98
CA LEU A 12 5.83 17.51 -5.87
C LEU A 12 5.12 17.63 -4.50
N GLU A 13 4.15 18.54 -4.38
CA GLU A 13 3.34 18.63 -3.16
C GLU A 13 2.45 17.40 -2.95
N LYS A 14 1.86 16.91 -4.04
CA LYS A 14 1.08 15.69 -3.98
C LYS A 14 1.93 14.48 -3.51
N VAL A 15 3.09 14.25 -4.13
CA VAL A 15 3.90 13.13 -3.71
C VAL A 15 4.43 13.29 -2.28
N ARG A 16 4.58 14.53 -1.83
CA ARG A 16 4.99 14.82 -0.47
C ARG A 16 3.98 14.30 0.55
N LEU A 17 2.72 14.32 0.20
CA LEU A 17 1.64 13.82 1.07
C LEU A 17 1.90 12.39 1.58
N SER A 18 2.63 11.62 0.80
CA SER A 18 2.95 10.25 1.13
C SER A 18 3.97 10.14 2.25
N ARG A 19 4.65 11.24 2.54
CA ARG A 19 5.79 11.21 3.44
C ARG A 19 5.47 10.72 4.83
N HIS A 20 4.34 11.15 5.38
CA HIS A 20 4.03 10.78 6.74
C HIS A 20 3.85 9.27 6.89
N GLU A 21 3.14 8.65 5.97
CA GLU A 21 2.85 7.24 6.02
C GLU A 21 4.14 6.43 5.92
N ILE A 22 5.02 6.88 5.06
CA ILE A 22 6.31 6.23 4.88
C ILE A 22 7.20 6.37 6.13
N SER A 23 7.23 7.55 6.74
CA SER A 23 8.01 7.71 7.98
C SER A 23 7.47 6.86 9.15
N GLU A 24 6.16 6.77 9.31
CA GLU A 24 5.60 5.93 10.37
C GLU A 24 5.93 4.46 10.17
N ALA A 25 5.76 3.97 8.94
CA ALA A 25 6.09 2.58 8.67
C ALA A 25 7.56 2.32 8.93
N ALA A 26 8.41 3.27 8.56
CA ALA A 26 9.85 3.10 8.71
C ALA A 26 10.23 2.94 10.18
N GLU A 27 9.48 3.58 11.07
CA GLU A 27 9.73 3.42 12.50
C GLU A 27 9.45 2.00 12.98
N VAL A 28 8.37 1.40 12.48
CA VAL A 28 8.04 0.01 12.79
C VAL A 28 9.13 -0.94 12.27
N VAL A 29 9.54 -0.73 11.03
CA VAL A 29 10.62 -1.53 10.44
C VAL A 29 11.90 -1.41 11.27
N ASN A 30 12.28 -0.19 11.63
CA ASN A 30 13.50 0.04 12.39
C ASN A 30 13.48 -0.68 13.75
N TRP A 31 12.33 -0.66 14.44
CA TRP A 31 12.14 -1.40 15.69
C TRP A 31 12.40 -2.91 15.58
N VAL A 32 11.79 -3.53 14.58
CA VAL A 32 11.96 -4.96 14.34
C VAL A 32 13.40 -5.30 13.95
N VAL A 33 13.98 -4.54 13.02
CA VAL A 33 15.33 -4.85 12.55
C VAL A 33 16.37 -4.59 13.63
N GLU A 34 16.14 -3.59 14.47
CA GLU A 34 17.07 -3.34 15.57
C GLU A 34 17.04 -4.50 16.57
N HIS A 35 15.86 -5.04 16.84
CA HIS A 35 15.77 -6.22 17.68
C HIS A 35 16.56 -7.39 17.12
N LEU A 36 16.33 -7.66 15.84
CA LEU A 36 16.98 -8.74 15.12
C LEU A 36 18.51 -8.58 15.13
N LEU A 37 18.98 -7.37 14.81
CA LEU A 37 20.41 -7.06 14.85
C LEU A 37 21.03 -7.29 16.22
N ARG A 38 20.35 -6.86 17.29
CA ARG A 38 20.87 -7.05 18.65
C ARG A 38 20.99 -8.52 18.97
N ARG A 39 20.03 -9.31 18.49
CA ARG A 39 20.10 -10.76 18.64
C ARG A 39 21.28 -11.38 17.91
N LEU A 40 21.47 -10.97 16.66
CA LEU A 40 22.60 -11.44 15.86
C LEU A 40 23.95 -11.04 16.47
N GLN A 41 24.05 -9.80 16.91
CA GLN A 41 25.28 -9.25 17.48
C GLN A 41 25.62 -9.78 18.88
N GLY A 42 24.62 -10.27 19.60
CA GLY A 42 24.85 -10.86 20.91
C GLY A 42 25.08 -12.35 20.82
N GLY A 43 24.94 -12.91 19.62
CA GLY A 43 25.11 -14.34 19.43
C GLY A 43 26.54 -14.74 19.12
N GLU A 44 26.71 -15.99 18.71
CA GLU A 44 28.04 -16.50 18.40
C GLU A 44 28.23 -17.00 16.97
N SER A 45 27.27 -16.70 16.11
CA SER A 45 27.30 -17.10 14.72
C SER A 45 28.28 -16.26 13.90
N GLU A 46 28.46 -16.65 12.66
CA GLU A 46 29.26 -15.90 11.73
C GLU A 46 28.66 -14.51 11.50
N PHE A 47 27.36 -14.38 11.72
CA PHE A 47 26.70 -13.11 11.47
C PHE A 47 26.77 -12.18 12.68
N LYS A 48 27.66 -12.51 13.61
CA LYS A 48 27.81 -11.72 14.84
C LYS A 48 28.26 -10.30 14.52
N GLY A 49 29.01 -10.15 13.43
CA GLY A 49 29.56 -8.87 13.02
C GLY A 49 28.68 -8.04 12.10
N VAL A 50 27.46 -8.49 11.80
CA VAL A 50 26.59 -7.73 10.91
C VAL A 50 26.22 -6.37 11.49
N ALA A 51 25.99 -5.42 10.60
CA ALA A 51 25.56 -4.10 10.99
C ALA A 51 24.57 -3.64 9.95
N LEU A 52 23.73 -2.68 10.32
CA LEU A 52 22.76 -2.14 9.41
C LEU A 52 23.46 -1.21 8.40
N LEU A 53 23.18 -1.42 7.13
CA LEU A 53 23.70 -0.54 6.10
C LEU A 53 22.58 0.41 5.70
N ARG A 54 22.71 1.67 6.10
CA ARG A 54 21.61 2.63 5.93
C ARG A 54 21.62 3.27 4.53
N THR A 55 21.22 2.49 3.54
CA THR A 55 21.22 2.98 2.16
C THR A 55 19.88 2.67 1.54
N GLY A 56 19.72 3.04 0.28
CA GLY A 56 18.45 2.81 -0.41
C GLY A 56 17.57 4.03 -0.43
N SER A 57 16.45 3.93 -1.14
CA SER A 57 15.58 5.06 -1.41
C SER A 57 15.09 5.78 -0.14
N TYR A 58 14.77 5.03 0.91
CA TYR A 58 14.35 5.69 2.14
C TYR A 58 15.40 6.65 2.74
N TYR A 59 16.63 6.18 2.91
CA TYR A 59 17.72 7.02 3.43
C TYR A 59 18.22 8.09 2.43
N GLU A 60 17.92 7.90 1.14
CA GLU A 60 18.26 8.90 0.15
C GLU A 60 17.18 9.99 0.16
N ARG A 61 16.11 9.74 0.91
CA ARG A 61 14.93 10.60 0.94
C ARG A 61 14.22 10.73 -0.41
N VAL A 62 14.22 9.63 -1.17
CA VAL A 62 13.50 9.60 -2.43
C VAL A 62 12.57 8.42 -2.50
N LYS A 63 12.26 7.80 -1.36
CA LYS A 63 11.20 6.81 -1.34
C LYS A 63 9.88 7.52 -1.29
N ILE A 64 9.13 7.48 -2.39
CA ILE A 64 7.94 8.30 -2.53
C ILE A 64 6.65 7.49 -2.49
N SER A 65 6.78 6.18 -2.39
CA SER A 65 5.65 5.28 -2.49
C SER A 65 5.90 3.96 -1.78
N ALA A 66 4.87 3.11 -1.76
CA ALA A 66 4.96 1.78 -1.17
C ALA A 66 5.36 1.74 0.30
N PRO A 67 4.51 2.47 1.16
CA PRO A 67 4.93 2.44 2.57
C PRO A 67 4.86 1.07 3.20
N ASN A 68 4.20 0.14 2.53
CA ASN A 68 4.08 -1.23 3.00
C ASN A 68 5.25 -2.12 2.49
N GLU A 69 6.25 -1.53 1.84
CA GLU A 69 7.38 -2.33 1.34
C GLU A 69 8.73 -1.65 1.55
N PHE A 70 9.60 -2.31 2.31
CA PHE A 70 10.94 -1.81 2.56
C PHE A 70 11.97 -2.87 2.27
N ASP A 71 13.18 -2.45 1.93
N ASP A 71 13.18 -2.43 1.95
CA ASP A 71 14.28 -3.38 1.93
CA ASP A 71 14.33 -3.33 1.82
C ASP A 71 15.34 -2.83 2.85
C ASP A 71 15.42 -2.83 2.77
N VAL A 72 16.06 -3.75 3.48
CA VAL A 72 17.05 -3.40 4.46
C VAL A 72 18.30 -4.23 4.16
N MET A 73 19.48 -3.63 4.32
CA MET A 73 20.73 -4.32 4.04
C MET A 73 21.55 -4.59 5.32
N PHE A 74 21.91 -5.85 5.55
CA PHE A 74 22.82 -6.16 6.65
C PHE A 74 24.22 -6.36 6.06
N LYS A 75 25.17 -5.51 6.44
CA LYS A 75 26.52 -5.65 5.93
C LYS A 75 27.38 -6.51 6.87
N LEU A 76 28.22 -7.34 6.26
CA LEU A 76 29.13 -8.19 7.00
C LEU A 76 30.57 -8.02 6.48
N GLU A 77 31.45 -7.52 7.32
CA GLU A 77 32.81 -7.29 6.89
C GLU A 77 33.48 -8.63 6.63
N VAL A 78 34.03 -8.77 5.43
CA VAL A 78 34.70 -9.99 5.05
C VAL A 78 36.10 -9.67 4.55
N PRO A 79 37.13 -10.27 5.28
CA PRO A 79 38.47 -9.87 4.83
C PRO A 79 38.96 -10.69 3.66
N ARG A 80 39.96 -10.19 2.96
CA ARG A 80 40.72 -10.96 1.99
C ARG A 80 39.93 -11.64 0.86
N ILE A 81 39.00 -10.91 0.26
CA ILE A 81 38.17 -11.46 -0.80
C ILE A 81 38.89 -11.36 -2.15
N GLN A 82 38.66 -12.36 -3.00
CA GLN A 82 39.21 -12.39 -4.35
C GLN A 82 38.07 -12.79 -5.28
N LEU A 83 37.80 -11.97 -6.29
CA LEU A 83 36.66 -12.22 -7.15
C LEU A 83 37.04 -12.94 -8.43
N GLU A 84 36.14 -13.79 -8.90
CA GLU A 84 36.25 -14.39 -10.22
C GLU A 84 34.97 -14.08 -10.96
N GLU A 85 35.10 -13.47 -12.13
CA GLU A 85 33.96 -13.11 -12.92
C GLU A 85 33.27 -14.37 -13.41
N TYR A 86 31.95 -14.37 -13.33
CA TYR A 86 31.14 -15.46 -13.85
C TYR A 86 31.18 -15.60 -15.36
N CYS A 87 31.17 -14.45 -16.04
CA CYS A 87 31.06 -14.40 -17.48
C CYS A 87 31.70 -13.12 -17.99
N ASN A 88 31.35 -12.68 -19.19
CA ASN A 88 31.93 -11.46 -19.74
C ASN A 88 31.65 -10.13 -19.01
N SER A 89 30.42 -9.95 -18.54
CA SER A 89 29.90 -8.66 -18.05
C SER A 89 30.46 -7.94 -16.81
N GLY A 90 30.70 -8.69 -15.74
CA GLY A 90 30.93 -8.05 -14.46
C GLY A 90 29.63 -7.90 -13.69
N ALA A 91 28.55 -8.41 -14.24
CA ALA A 91 27.30 -8.50 -13.52
C ALA A 91 27.37 -9.44 -12.32
N HIS A 92 28.05 -10.57 -12.49
CA HIS A 92 28.08 -11.63 -11.47
C HIS A 92 29.50 -12.15 -11.15
N TYR A 93 29.79 -12.39 -9.89
CA TYR A 93 31.09 -12.92 -9.49
C TYR A 93 30.99 -14.15 -8.60
N PHE A 94 32.02 -14.97 -8.65
CA PHE A 94 32.24 -15.95 -7.61
C PHE A 94 33.14 -15.29 -6.59
N VAL A 95 32.89 -15.58 -5.31
CA VAL A 95 33.70 -15.06 -4.23
C VAL A 95 34.66 -16.15 -3.73
N LYS A 96 35.94 -15.84 -3.79
CA LYS A 96 36.98 -16.73 -3.34
C LYS A 96 37.75 -15.95 -2.30
N PHE A 97 38.63 -16.62 -1.58
CA PHE A 97 39.43 -15.95 -0.57
C PHE A 97 40.91 -16.10 -0.84
N LYS A 98 41.66 -15.05 -0.57
CA LYS A 98 43.11 -15.10 -0.58
C LYS A 98 43.62 -15.79 0.70
N ARG A 99 44.84 -16.33 0.67
CA ARG A 99 45.38 -17.05 1.83
C ARG A 99 45.32 -16.23 3.13
N ASN A 100 44.82 -16.82 4.22
CA ASN A 100 44.84 -16.19 5.56
C ASN A 100 45.51 -17.02 6.64
N PRO A 101 46.64 -16.49 7.16
CA PRO A 101 47.33 -17.26 8.18
C PRO A 101 46.53 -17.31 9.49
N GLY A 102 45.63 -16.35 9.68
CA GLY A 102 44.80 -16.29 10.87
C GLY A 102 43.49 -17.09 10.79
N GLY A 103 43.12 -17.53 9.59
CA GLY A 103 41.97 -18.41 9.41
C GLY A 103 40.83 -17.81 8.62
N ASN A 104 39.77 -18.58 8.45
CA ASN A 104 38.60 -18.04 7.76
C ASN A 104 37.32 -18.30 8.56
N PRO A 105 36.79 -17.25 9.21
CA PRO A 105 35.57 -17.30 10.03
C PRO A 105 34.34 -17.80 9.25
N LEU A 106 34.44 -17.79 7.92
CA LEU A 106 33.35 -18.19 7.05
C LEU A 106 33.55 -19.61 6.45
N GLU A 107 34.46 -20.40 7.05
CA GLU A 107 34.76 -21.76 6.57
C GLU A 107 33.51 -22.63 6.40
N GLN A 108 32.55 -22.51 7.31
CA GLN A 108 31.34 -23.35 7.25
C GLN A 108 30.54 -23.13 5.96
N PHE A 109 30.81 -22.04 5.27
CA PHE A 109 30.12 -21.76 4.02
C PHE A 109 30.93 -22.04 2.76
N LEU A 110 32.19 -22.42 2.92
CA LEU A 110 33.01 -22.73 1.77
C LEU A 110 32.56 -24.00 1.09
N GLU A 111 32.48 -23.97 -0.22
CA GLU A 111 32.30 -25.17 -1.01
C GLU A 111 33.20 -25.15 -2.23
N LYS A 112 34.25 -25.96 -2.23
CA LYS A 112 35.18 -26.13 -3.36
C LYS A 112 35.81 -24.86 -3.91
N GLU A 113 36.55 -24.18 -3.05
CA GLU A 113 37.25 -22.94 -3.40
C GLU A 113 36.42 -21.65 -3.27
N ILE A 114 35.12 -21.76 -3.15
CA ILE A 114 34.24 -20.64 -3.43
C ILE A 114 33.34 -20.50 -2.23
N LEU A 115 33.03 -19.26 -1.87
CA LEU A 115 32.04 -19.02 -0.86
C LEU A 115 30.72 -19.35 -1.50
N SER A 116 29.97 -20.23 -0.87
CA SER A 116 28.63 -20.59 -1.36
C SER A 116 27.55 -19.62 -0.88
N ALA A 117 26.82 -19.01 -1.81
CA ALA A 117 25.70 -18.13 -1.43
C ALA A 117 24.51 -18.90 -0.85
N SER A 118 24.17 -20.04 -1.44
CA SER A 118 23.02 -20.82 -0.96
C SER A 118 23.27 -21.37 0.45
N LYS A 119 24.51 -21.76 0.73
CA LYS A 119 24.86 -22.25 2.06
C LYS A 119 24.80 -21.11 3.08
N MET A 120 25.35 -19.96 2.72
CA MET A 120 25.32 -18.82 3.62
C MET A 120 23.91 -18.28 3.89
N LEU A 121 23.08 -18.23 2.86
CA LEU A 121 21.72 -17.73 2.99
C LEU A 121 20.82 -18.67 3.77
N SER A 122 21.01 -19.97 3.58
CA SER A 122 20.26 -20.98 4.31
C SER A 122 20.52 -20.81 5.80
N LYS A 123 21.79 -20.63 6.17
CA LYS A 123 22.15 -20.42 7.57
C LYS A 123 21.61 -19.07 8.08
N PHE A 124 21.69 -18.06 7.22
CA PHE A 124 21.15 -16.74 7.54
C PHE A 124 19.62 -16.81 7.75
N ARG A 125 18.93 -17.48 6.81
CA ARG A 125 17.50 -17.67 6.91
C ARG A 125 17.11 -18.45 8.15
N LYS A 126 17.90 -19.48 8.45
CA LYS A 126 17.66 -20.31 9.63
C LYS A 126 17.73 -19.50 10.91
N ILE A 127 18.78 -18.70 11.06
CA ILE A 127 18.93 -17.89 12.26
C ILE A 127 17.80 -16.85 12.41
N ILE A 128 17.43 -16.21 11.30
N ILE A 128 17.47 -16.17 11.32
CA ILE A 128 16.36 -15.22 11.32
CA ILE A 128 16.37 -15.22 11.33
C ILE A 128 15.04 -15.87 11.71
C ILE A 128 15.05 -15.88 11.72
N LYS A 129 14.73 -17.00 11.10
CA LYS A 129 13.50 -17.76 11.41
C LYS A 129 13.40 -18.17 12.88
N GLU A 130 14.52 -18.59 13.47
CA GLU A 130 14.52 -18.89 14.90
C GLU A 130 14.30 -17.67 15.80
N GLU A 131 14.92 -16.53 15.45
CA GLU A 131 14.73 -15.31 16.23
C GLU A 131 13.27 -14.79 16.10
N ILE A 132 12.70 -14.92 14.90
CA ILE A 132 11.33 -14.48 14.68
C ILE A 132 10.31 -15.41 15.35
N LYS A 133 10.60 -16.70 15.38
CA LYS A 133 9.75 -17.67 16.08
C LYS A 133 9.72 -17.36 17.57
N ASN A 134 10.87 -16.98 18.10
CA ASN A 134 10.99 -16.59 19.51
C ASN A 134 10.10 -15.40 19.90
N ILE A 135 9.84 -14.50 18.95
CA ILE A 135 8.98 -13.32 19.19
C ILE A 135 7.66 -13.38 18.40
N GLU A 136 7.17 -14.58 18.16
CA GLU A 136 5.97 -14.81 17.36
C GLU A 136 4.65 -14.18 17.85
N ASP A 137 4.60 -13.78 19.11
CA ASP A 137 3.42 -13.14 19.65
C ASP A 137 3.33 -11.72 19.13
N THR A 138 4.43 -11.22 18.55
CA THR A 138 4.43 -9.87 18.00
C THR A 138 3.68 -9.79 16.66
N GLY A 139 3.31 -10.92 16.09
CA GLY A 139 2.64 -10.90 14.80
C GLY A 139 3.57 -10.84 13.60
N VAL A 140 4.88 -11.04 13.82
CA VAL A 140 5.86 -10.98 12.75
C VAL A 140 6.18 -12.42 12.35
N THR A 141 6.15 -12.70 11.05
CA THR A 141 6.50 -14.01 10.55
C THR A 141 7.52 -13.90 9.42
N VAL A 142 8.09 -15.03 9.01
CA VAL A 142 8.99 -15.06 7.84
C VAL A 142 8.25 -15.60 6.63
N GLU A 143 8.24 -14.85 5.54
CA GLU A 143 7.59 -15.32 4.32
C GLU A 143 8.34 -16.51 3.72
N ARG A 144 7.60 -17.40 3.07
CA ARG A 144 8.20 -18.53 2.40
C ARG A 144 9.15 -18.05 1.32
N LYS A 145 10.12 -18.89 0.98
CA LYS A 145 11.12 -18.59 -0.05
C LYS A 145 10.44 -18.19 -1.37
N ARG A 146 10.91 -17.11 -2.00
CA ARG A 146 10.47 -16.72 -3.35
C ARG A 146 11.52 -17.05 -4.40
N ARG A 147 11.08 -17.41 -5.61
CA ARG A 147 12.00 -17.68 -6.71
C ARG A 147 12.78 -16.42 -7.11
N GLY A 148 14.08 -16.58 -7.29
CA GLY A 148 14.97 -15.51 -7.71
C GLY A 148 15.12 -14.41 -6.68
N SER A 149 14.79 -14.71 -5.43
CA SER A 149 14.97 -13.75 -4.36
C SER A 149 16.04 -14.22 -3.37
N PRO A 150 17.09 -13.41 -3.19
CA PRO A 150 18.14 -13.67 -2.21
C PRO A 150 17.67 -13.25 -0.81
N ALA A 151 16.49 -12.66 -0.73
CA ALA A 151 16.08 -12.03 0.53
C ALA A 151 15.34 -12.95 1.48
N VAL A 152 15.46 -12.64 2.76
CA VAL A 152 14.63 -13.24 3.78
C VAL A 152 13.59 -12.18 4.04
N THR A 153 12.34 -12.43 3.66
CA THR A 153 11.31 -11.40 3.80
C THR A 153 10.57 -11.54 5.13
N LEU A 154 10.51 -10.47 5.89
CA LEU A 154 9.70 -10.49 7.11
C LEU A 154 8.33 -9.92 6.82
N LEU A 155 7.31 -10.55 7.37
CA LEU A 155 5.96 -10.04 7.26
C LEU A 155 5.58 -9.48 8.61
N ILE A 156 5.44 -8.15 8.64
CA ILE A 156 5.02 -7.44 9.84
C ILE A 156 3.53 -7.19 9.69
N SER A 157 2.74 -7.62 10.66
CA SER A 157 1.30 -7.43 10.56
C SER A 157 0.81 -6.31 11.48
N LYS A 158 1.50 -6.05 12.59
CA LYS A 158 1.05 -5.03 13.53
C LYS A 158 2.19 -4.11 13.95
N PRO A 159 1.91 -2.80 14.08
CA PRO A 159 0.58 -2.21 13.94
C PRO A 159 0.19 -1.90 12.50
N LYS A 160 1.10 -2.11 11.57
CA LYS A 160 0.90 -1.92 10.14
C LYS A 160 1.40 -3.12 9.38
N GLU A 161 0.75 -3.43 8.27
CA GLU A 161 1.18 -4.46 7.34
C GLU A 161 2.37 -3.97 6.53
N ILE A 162 3.51 -4.54 6.78
CA ILE A 162 4.71 -4.20 6.07
C ILE A 162 5.52 -5.42 5.67
N SER A 163 5.96 -5.46 4.44
CA SER A 163 6.91 -6.48 3.97
C SER A 163 8.30 -5.87 4.05
N VAL A 164 9.23 -6.61 4.64
CA VAL A 164 10.62 -6.16 4.75
C VAL A 164 11.59 -7.17 4.14
N ASP A 165 12.24 -6.82 3.02
CA ASP A 165 13.26 -7.69 2.45
C ASP A 165 14.59 -7.48 3.16
N ILE A 166 15.11 -8.53 3.81
CA ILE A 166 16.42 -8.45 4.47
C ILE A 166 17.45 -9.01 3.50
N ILE A 167 18.39 -8.17 3.08
CA ILE A 167 19.39 -8.52 2.10
C ILE A 167 20.76 -8.55 2.77
N LEU A 168 21.40 -9.72 2.73
CA LEU A 168 22.74 -9.87 3.26
C LEU A 168 23.74 -9.34 2.24
N ALA A 169 24.67 -8.50 2.71
CA ALA A 169 25.68 -7.90 1.84
C ALA A 169 27.08 -8.08 2.44
N LEU A 170 28.00 -8.63 1.65
CA LEU A 170 29.39 -8.77 2.11
C LEU A 170 30.14 -7.46 1.87
N GLU A 171 30.92 -7.02 2.85
CA GLU A 171 31.71 -5.81 2.70
C GLU A 171 33.18 -6.11 2.46
N SER A 172 33.70 -5.66 1.34
CA SER A 172 35.11 -5.86 1.07
C SER A 172 35.84 -4.53 1.02
N LYS A 173 36.76 -4.34 1.95
CA LYS A 173 37.54 -3.11 1.98
C LYS A 173 38.76 -3.24 1.10
N SER A 174 38.52 -3.40 -0.19
CA SER A 174 39.58 -3.61 -1.14
C SER A 174 39.30 -2.84 -2.41
N SER A 175 40.29 -2.73 -3.28
CA SER A 175 40.14 -1.99 -4.52
C SER A 175 38.93 -2.47 -5.30
N TRP A 176 38.23 -1.56 -5.94
CA TRP A 176 37.08 -1.91 -6.76
C TRP A 176 37.52 -2.83 -7.89
N PRO A 177 36.67 -3.78 -8.29
CA PRO A 177 37.02 -4.73 -9.34
C PRO A 177 37.25 -4.00 -10.66
N ALA A 178 37.96 -4.64 -11.57
CA ALA A 178 38.31 -4.03 -12.86
C ALA A 178 37.11 -3.61 -13.70
N SER A 179 35.99 -4.30 -13.54
CA SER A 179 34.79 -3.98 -14.30
C SER A 179 34.23 -2.58 -13.98
N THR A 180 34.69 -1.96 -12.89
CA THR A 180 34.18 -0.63 -12.52
C THR A 180 35.13 0.48 -12.89
N GLN A 181 36.21 0.15 -13.60
CA GLN A 181 37.29 1.10 -13.89
C GLN A 181 36.82 2.40 -14.54
N LYS A 182 35.97 2.27 -15.55
CA LYS A 182 35.44 3.45 -16.22
C LYS A 182 34.06 3.81 -15.66
N GLY A 183 33.73 3.26 -14.50
CA GLY A 183 32.48 3.58 -13.83
C GLY A 183 32.56 4.82 -12.94
N LEU A 184 31.41 5.26 -12.45
CA LEU A 184 31.33 6.46 -11.61
C LEU A 184 31.93 7.67 -12.33
N PRO A 185 31.38 8.00 -13.51
CA PRO A 185 32.03 9.07 -14.29
C PRO A 185 31.61 10.44 -13.75
N ILE A 186 32.11 10.80 -12.56
CA ILE A 186 31.61 12.00 -11.90
C ILE A 186 32.62 13.13 -11.84
N SER A 187 33.76 12.98 -12.50
CA SER A 187 34.85 13.96 -12.44
C SER A 187 34.45 15.39 -12.78
N GLN A 188 33.73 15.54 -13.87
CA GLN A 188 33.22 16.83 -14.29
C GLN A 188 32.17 17.37 -13.33
N TRP A 189 31.28 16.51 -12.87
CA TRP A 189 30.25 16.90 -11.93
C TRP A 189 30.67 17.18 -10.49
N LEU A 190 31.38 16.25 -9.87
CA LEU A 190 31.67 16.34 -8.45
C LEU A 190 33.15 16.56 -8.19
N GLY A 191 33.96 16.28 -9.21
CA GLY A 191 35.39 16.51 -9.13
C GLY A 191 36.21 15.24 -8.93
N ALA A 192 37.48 15.32 -9.27
CA ALA A 192 38.39 14.19 -9.16
C ALA A 192 38.62 13.80 -7.72
N LYS A 193 38.68 14.79 -6.84
CA LYS A 193 38.91 14.53 -5.42
C LYS A 193 37.76 13.72 -4.83
N VAL A 194 36.52 14.14 -5.08
CA VAL A 194 35.36 13.36 -4.65
C VAL A 194 35.35 11.94 -5.24
N LYS A 195 35.67 11.83 -6.53
CA LYS A 195 35.72 10.53 -7.19
C LYS A 195 36.76 9.61 -6.56
N ASN A 196 37.97 10.13 -6.34
CA ASN A 196 39.00 9.35 -5.63
C ASN A 196 38.56 8.92 -4.22
N ASN A 197 37.94 9.84 -3.47
CA ASN A 197 37.48 9.52 -2.13
C ASN A 197 36.46 8.39 -2.14
N LEU A 198 35.51 8.46 -3.06
CA LEU A 198 34.46 7.45 -3.15
C LEU A 198 35.00 6.07 -3.55
N LYS A 199 35.97 6.02 -4.46
CA LYS A 199 36.55 4.74 -4.90
C LYS A 199 37.48 4.09 -3.87
N ARG A 200 37.79 4.81 -2.81
CA ARG A 200 38.52 4.25 -1.68
C ARG A 200 37.57 3.68 -0.63
N GLN A 201 36.27 3.84 -0.83
CA GLN A 201 35.30 3.19 0.04
C GLN A 201 35.26 1.71 -0.31
N PRO A 202 34.80 0.88 0.65
CA PRO A 202 34.62 -0.54 0.31
C PRO A 202 33.53 -0.72 -0.74
N PHE A 203 33.45 -1.92 -1.31
CA PHE A 203 32.31 -2.28 -2.17
C PHE A 203 31.55 -3.44 -1.51
N TYR A 204 30.35 -3.72 -1.99
CA TYR A 204 29.52 -4.78 -1.39
C TYR A 204 29.16 -5.85 -2.41
N LEU A 205 28.85 -7.03 -1.88
CA LEU A 205 28.40 -8.15 -2.69
C LEU A 205 27.08 -8.68 -2.12
N VAL A 206 26.06 -8.72 -2.96
CA VAL A 206 24.79 -9.32 -2.55
C VAL A 206 24.52 -10.53 -3.45
N PRO A 207 23.88 -11.58 -2.91
CA PRO A 207 23.59 -12.81 -3.65
C PRO A 207 22.72 -12.50 -4.85
N LYS A 208 23.15 -12.95 -6.02
CA LYS A 208 22.34 -12.80 -7.22
C LYS A 208 22.58 -13.98 -8.15
N HIS A 209 21.52 -14.66 -8.52
CA HIS A 209 21.61 -15.74 -9.48
C HIS A 209 21.97 -15.21 -10.85
N ALA A 210 22.92 -15.85 -11.51
CA ALA A 210 23.35 -15.43 -12.83
C ALA A 210 22.39 -15.81 -13.93
N LYS A 211 21.82 -17.00 -13.84
CA LYS A 211 20.74 -17.38 -14.73
C LYS A 211 19.85 -18.33 -13.96
N GLU A 212 18.59 -18.45 -14.38
CA GLU A 212 17.56 -19.17 -13.65
C GLU A 212 17.84 -20.65 -13.52
N GLY A 213 18.81 -21.15 -14.27
CA GLY A 213 19.07 -22.56 -14.26
C GLY A 213 19.32 -23.11 -12.89
N SER A 214 19.51 -24.42 -12.83
CA SER A 214 20.02 -25.10 -11.66
C SER A 214 21.51 -25.32 -11.89
N GLY A 215 22.33 -25.02 -10.89
CA GLY A 215 23.78 -25.17 -11.02
C GLY A 215 24.62 -24.20 -10.21
N PHE A 216 25.83 -23.89 -10.70
CA PHE A 216 26.74 -23.00 -9.98
C PHE A 216 26.38 -21.53 -10.19
N GLN A 217 25.36 -21.28 -11.01
CA GLN A 217 24.87 -19.93 -11.22
C GLN A 217 24.05 -19.52 -9.99
N GLU A 218 23.79 -20.49 -9.12
CA GLU A 218 23.09 -20.27 -7.87
C GLU A 218 24.06 -19.72 -6.80
N GLU A 219 25.35 -19.79 -7.11
CA GLU A 219 26.39 -19.44 -6.14
C GLU A 219 27.04 -18.09 -6.38
N THR A 220 26.49 -17.32 -7.30
CA THR A 220 27.09 -16.05 -7.67
C THR A 220 26.64 -14.85 -6.83
N TRP A 221 27.43 -13.78 -6.88
CA TRP A 221 27.15 -12.52 -6.20
C TRP A 221 27.26 -11.38 -7.21
N ARG A 222 26.47 -10.33 -7.02
CA ARG A 222 26.62 -9.09 -7.80
C ARG A 222 27.18 -7.98 -6.94
N LEU A 223 27.81 -6.99 -7.58
CA LEU A 223 28.33 -5.82 -6.87
C LEU A 223 27.19 -4.91 -6.42
N SER A 224 27.37 -4.26 -5.28
CA SER A 224 26.44 -3.24 -4.82
C SER A 224 27.21 -1.99 -4.43
N PHE A 225 26.74 -0.84 -4.91
CA PHE A 225 27.35 0.45 -4.60
C PHE A 225 26.33 1.40 -4.00
N SER A 226 25.33 0.82 -3.33
CA SER A 226 24.20 1.60 -2.79
C SER A 226 24.65 2.70 -1.81
N HIS A 227 25.77 2.49 -1.12
CA HIS A 227 26.35 3.53 -0.24
C HIS A 227 26.93 4.72 -1.03
N ILE A 228 27.49 4.44 -2.21
CA ILE A 228 27.97 5.51 -3.09
C ILE A 228 26.78 6.28 -3.70
N GLU A 229 25.77 5.54 -4.17
CA GLU A 229 24.56 6.16 -4.70
C GLU A 229 23.94 7.10 -3.67
N LYS A 230 23.91 6.69 -2.41
CA LYS A 230 23.40 7.51 -1.34
C LYS A 230 24.21 8.81 -1.20
N ASP A 231 25.52 8.69 -1.24
CA ASP A 231 26.38 9.86 -1.08
C ASP A 231 26.25 10.87 -2.23
N ILE A 232 26.23 10.41 -3.48
CA ILE A 232 26.13 11.34 -4.60
C ILE A 232 24.72 11.95 -4.74
N LEU A 233 23.70 11.26 -4.24
CA LEU A 233 22.39 11.86 -4.10
C LEU A 233 22.27 12.92 -3.01
N LYS A 234 22.80 12.62 -1.83
CA LYS A 234 22.87 13.52 -0.69
C LYS A 234 23.80 14.75 -0.84
N ASN A 235 24.95 14.55 -1.45
CA ASN A 235 25.92 15.62 -1.59
C ASN A 235 26.09 15.75 -3.08
N HIS A 236 25.06 16.30 -3.69
CA HIS A 236 24.90 16.25 -5.14
C HIS A 236 25.35 17.50 -5.89
N GLY A 237 25.74 18.53 -5.16
CA GLY A 237 26.09 19.79 -5.81
C GLY A 237 27.60 19.98 -6.00
N GLN A 238 28.00 20.83 -6.94
CA GLN A 238 29.40 21.26 -7.03
C GLN A 238 29.74 22.09 -5.80
N SER A 239 28.78 22.90 -5.35
CA SER A 239 28.89 23.59 -4.08
C SER A 239 28.44 22.69 -2.93
N LYS A 240 29.11 22.82 -1.79
CA LYS A 240 28.81 22.06 -0.59
C LYS A 240 27.51 22.57 0.07
N THR A 241 27.05 23.76 -0.31
CA THR A 241 25.87 24.31 0.30
C THR A 241 24.62 24.18 -0.59
N CYS A 242 24.74 23.43 -1.68
CA CYS A 242 23.61 23.17 -2.61
C CYS A 242 22.41 22.60 -1.86
N CYS A 243 21.26 23.25 -1.98
CA CYS A 243 20.02 22.78 -1.32
C CYS A 243 20.03 22.87 0.20
N GLU A 244 21.02 23.55 0.76
CA GLU A 244 21.03 23.77 2.20
C GLU A 244 20.37 25.10 2.59
N ILE A 245 20.15 25.26 3.89
CA ILE A 245 19.46 26.44 4.42
C ILE A 245 20.14 27.75 4.02
N ASP A 246 21.48 27.75 3.98
CA ASP A 246 22.23 28.96 3.63
C ASP A 246 22.90 28.87 2.25
N GLY A 247 22.39 27.97 1.43
CA GLY A 247 22.85 27.81 0.06
C GLY A 247 21.70 27.96 -0.94
N VAL A 248 21.99 27.65 -2.20
CA VAL A 248 20.99 27.77 -3.26
C VAL A 248 20.29 26.44 -3.55
N LYS A 249 18.97 26.53 -3.79
CA LYS A 249 18.18 25.34 -4.07
C LYS A 249 18.32 24.87 -5.52
N CYS A 250 18.71 23.62 -5.73
CA CYS A 250 18.68 23.08 -7.08
C CYS A 250 17.49 22.12 -7.16
N CYS A 251 17.19 21.63 -8.36
CA CYS A 251 16.05 20.73 -8.52
C CYS A 251 16.44 19.30 -8.91
N ARG A 252 17.69 18.93 -8.62
CA ARG A 252 18.16 17.58 -8.98
C ARG A 252 17.32 16.44 -8.38
N LYS A 253 17.12 16.49 -7.07
CA LYS A 253 16.34 15.48 -6.37
C LYS A 253 14.87 15.50 -6.75
N GLU A 254 14.35 16.68 -7.00
CA GLU A 254 12.96 16.83 -7.39
C GLU A 254 12.77 16.09 -8.73
N CYS A 255 13.76 16.20 -9.61
CA CYS A 255 13.69 15.53 -10.91
C CYS A 255 13.73 14.04 -10.76
N LEU A 256 14.60 13.54 -9.90
CA LEU A 256 14.64 12.12 -9.66
C LEU A 256 13.28 11.64 -9.14
N LYS A 257 12.71 12.39 -8.20
CA LYS A 257 11.41 12.04 -7.65
C LYS A 257 10.32 12.01 -8.71
N LEU A 258 10.31 13.02 -9.58
CA LEU A 258 9.32 13.08 -10.66
C LEU A 258 9.50 11.95 -11.68
N MET A 259 10.74 11.54 -11.96
N MET A 259 10.76 11.59 -11.97
CA MET A 259 10.98 10.43 -12.86
CA MET A 259 11.07 10.45 -12.83
C MET A 259 10.44 9.13 -12.27
C MET A 259 10.45 9.17 -12.27
N LYS A 260 10.70 8.91 -10.99
CA LYS A 260 10.15 7.73 -10.32
C LYS A 260 8.62 7.76 -10.33
N TYR A 261 8.07 8.94 -10.05
CA TYR A 261 6.64 9.14 -9.96
C TYR A 261 5.98 8.94 -11.33
N LEU A 262 6.66 9.38 -12.38
CA LEU A 262 6.19 9.18 -13.74
C LEU A 262 5.98 7.70 -14.04
N LEU A 263 7.01 6.90 -13.78
CA LEU A 263 6.95 5.47 -14.02
C LEU A 263 5.87 4.77 -13.17
N GLU A 264 5.80 5.15 -11.89
CA GLU A 264 4.80 4.56 -11.01
C GLU A 264 3.35 4.95 -11.38
N GLN A 265 3.13 6.20 -11.80
CA GLN A 265 1.81 6.60 -12.26
C GLN A 265 1.42 5.93 -13.59
N LEU A 266 2.39 5.72 -14.50
CA LEU A 266 2.09 4.99 -15.75
C LEU A 266 1.65 3.56 -15.46
N LYS A 267 2.29 2.92 -14.50
CA LYS A 267 1.88 1.58 -14.09
C LYS A 267 0.47 1.54 -13.48
N LYS A 268 0.11 2.55 -12.71
CA LYS A 268 -1.25 2.61 -12.18
C LYS A 268 -2.25 2.91 -13.30
N LYS A 269 -1.85 3.73 -14.25
CA LYS A 269 -2.74 4.08 -15.35
C LYS A 269 -3.01 2.85 -16.23
N PHE A 270 -1.98 2.05 -16.47
CA PHE A 270 -2.13 0.92 -17.40
C PHE A 270 -2.34 -0.43 -16.71
N GLY A 271 -2.24 -0.46 -15.39
CA GLY A 271 -2.43 -1.69 -14.63
C GLY A 271 -1.25 -2.64 -14.58
N ASN A 272 -0.04 -2.09 -14.58
CA ASN A 272 1.21 -2.86 -14.57
C ASN A 272 1.18 -4.05 -15.51
N ARG A 273 0.81 -3.80 -16.77
CA ARG A 273 0.71 -4.82 -17.81
C ARG A 273 2.11 -5.33 -18.16
N ARG A 274 2.14 -6.39 -18.96
CA ARG A 274 3.37 -7.12 -19.24
C ARG A 274 4.53 -6.23 -19.69
N GLU A 275 4.22 -5.23 -20.51
CA GLU A 275 5.24 -4.34 -21.05
C GLU A 275 5.89 -3.46 -19.99
N LEU A 276 5.12 -3.07 -18.98
CA LEU A 276 5.64 -2.15 -17.97
C LEU A 276 6.29 -2.85 -16.79
N ALA A 277 6.01 -4.14 -16.62
CA ALA A 277 6.44 -4.86 -15.42
C ALA A 277 7.96 -5.03 -15.25
N LYS A 278 8.73 -4.92 -16.33
CA LYS A 278 10.18 -5.07 -16.20
C LYS A 278 10.92 -3.78 -15.89
N PHE A 279 10.25 -2.64 -15.97
CA PHE A 279 10.90 -1.36 -15.67
C PHE A 279 10.74 -1.08 -14.19
N CYS A 280 11.82 -0.64 -13.55
CA CYS A 280 11.72 -0.31 -12.12
C CYS A 280 12.44 1.01 -11.84
N SER A 281 12.36 1.47 -10.60
CA SER A 281 12.94 2.76 -10.23
C SER A 281 14.46 2.79 -10.41
N TYR A 282 15.11 1.63 -10.37
CA TYR A 282 16.55 1.58 -10.54
C TYR A 282 16.98 1.97 -11.97
N HIS A 283 16.12 1.73 -12.95
CA HIS A 283 16.35 2.21 -14.32
C HIS A 283 16.33 3.74 -14.40
N VAL A 284 15.37 4.39 -13.73
CA VAL A 284 15.28 5.84 -13.84
C VAL A 284 16.35 6.52 -12.99
N LYS A 285 16.73 5.86 -11.90
CA LYS A 285 17.82 6.35 -11.04
C LYS A 285 19.14 6.35 -11.83
N THR A 286 19.39 5.26 -12.56
CA THR A 286 20.58 5.13 -13.41
C THR A 286 20.60 6.19 -14.51
N ALA A 287 19.48 6.36 -15.22
CA ALA A 287 19.34 7.40 -16.24
C ALA A 287 19.61 8.80 -15.66
N PHE A 288 19.10 9.03 -14.46
CA PHE A 288 19.27 10.29 -13.75
C PHE A 288 20.75 10.60 -13.43
N PHE A 289 21.47 9.61 -12.95
CA PHE A 289 22.90 9.79 -12.71
C PHE A 289 23.65 10.16 -13.98
N HIS A 290 23.33 9.51 -15.10
CA HIS A 290 23.96 9.86 -16.38
C HIS A 290 23.63 11.31 -16.78
N VAL A 291 22.42 11.78 -16.44
CA VAL A 291 22.05 13.15 -16.72
C VAL A 291 22.81 14.16 -15.83
N CYS A 292 23.04 13.78 -14.58
CA CYS A 292 23.87 14.58 -13.68
C CYS A 292 25.28 14.74 -14.22
N THR A 293 25.77 13.70 -14.90
CA THR A 293 27.09 13.74 -15.53
C THR A 293 27.10 14.66 -16.75
N GLN A 294 26.08 14.55 -17.61
CA GLN A 294 26.00 15.38 -18.81
C GLN A 294 25.73 16.86 -18.46
N ASP A 295 25.00 17.12 -17.38
CA ASP A 295 24.71 18.49 -16.93
C ASP A 295 25.21 18.71 -15.52
N PRO A 296 26.52 18.94 -15.40
CA PRO A 296 27.20 18.90 -14.11
C PRO A 296 27.06 20.16 -13.25
N HIS A 297 26.63 21.28 -13.83
CA HIS A 297 26.69 22.56 -13.11
C HIS A 297 25.42 22.87 -12.31
N ASP A 298 25.61 23.37 -11.09
CA ASP A 298 24.50 23.69 -10.19
C ASP A 298 23.54 24.68 -10.82
N ASN A 299 24.08 25.63 -11.58
CA ASN A 299 23.22 26.60 -12.21
C ASN A 299 22.36 26.00 -13.31
N GLN A 300 22.72 24.82 -13.81
CA GLN A 300 21.85 24.15 -14.81
C GLN A 300 20.59 23.59 -14.14
N TRP A 301 20.65 23.43 -12.81
CA TRP A 301 19.56 22.80 -12.08
C TRP A 301 18.85 23.74 -11.08
N HIS A 302 18.94 25.03 -11.32
CA HIS A 302 18.30 26.01 -10.44
C HIS A 302 16.80 25.71 -10.39
N LEU A 303 16.20 25.85 -9.21
CA LEU A 303 14.80 25.48 -9.00
C LEU A 303 13.83 26.08 -10.02
N LYS A 304 14.06 27.33 -10.42
CA LYS A 304 13.23 27.97 -11.43
C LYS A 304 13.26 27.20 -12.75
N ASN A 305 14.33 26.42 -12.96
CA ASN A 305 14.51 25.71 -14.23
C ASN A 305 13.91 24.31 -14.21
N LEU A 306 13.01 24.06 -13.27
CA LEU A 306 12.42 22.73 -13.03
C LEU A 306 11.83 22.03 -14.27
N GLU A 307 10.98 22.73 -15.02
CA GLU A 307 10.37 22.15 -16.23
C GLU A 307 11.38 21.65 -17.24
N CYS A 308 12.35 22.49 -17.58
CA CYS A 308 13.42 22.12 -18.51
C CYS A 308 14.30 21.02 -17.93
N CYS A 309 14.62 21.10 -16.64
CA CYS A 309 15.45 20.04 -16.07
C CYS A 309 14.73 18.70 -16.12
N PHE A 310 13.48 18.68 -15.71
CA PHE A 310 12.74 17.44 -15.72
C PHE A 310 12.57 16.92 -17.16
N ASP A 311 12.36 17.83 -18.09
CA ASP A 311 12.24 17.42 -19.48
C ASP A 311 13.54 16.81 -20.01
N ASN A 312 14.68 17.31 -19.54
N ASN A 312 14.67 17.29 -19.50
CA ASN A 312 15.98 16.74 -19.90
CA ASN A 312 15.97 16.77 -19.89
C ASN A 312 16.10 15.31 -19.46
C ASN A 312 16.17 15.34 -19.42
N CYS A 313 15.67 15.03 -18.23
CA CYS A 313 15.71 13.68 -17.69
C CYS A 313 14.82 12.74 -18.47
N VAL A 314 13.62 13.22 -18.79
CA VAL A 314 12.68 12.44 -19.59
C VAL A 314 13.24 12.18 -21.01
N ALA A 315 13.76 13.21 -21.65
CA ALA A 315 14.31 13.07 -23.00
C ALA A 315 15.49 12.09 -23.03
N TYR A 316 16.34 12.14 -22.00
CA TYR A 316 17.46 11.23 -21.93
C TYR A 316 16.97 9.80 -21.77
N PHE A 317 15.98 9.61 -20.90
CA PHE A 317 15.42 8.30 -20.66
C PHE A 317 14.78 7.76 -21.95
N LEU A 318 14.12 8.64 -22.70
CA LEU A 318 13.57 8.29 -24.03
C LEU A 318 14.66 7.86 -25.00
N GLN A 319 15.81 8.52 -24.97
CA GLN A 319 16.92 8.15 -25.83
C GLN A 319 17.48 6.75 -25.51
N CYS A 320 17.56 6.42 -24.22
CA CYS A 320 17.97 5.10 -23.79
C CYS A 320 16.98 4.01 -24.23
N LEU A 321 15.70 4.32 -24.19
CA LEU A 321 14.70 3.35 -24.58
C LEU A 321 14.78 3.08 -26.08
N LYS A 322 15.00 4.12 -26.87
CA LYS A 322 15.08 4.00 -28.32
C LYS A 322 16.36 3.32 -28.78
N THR A 323 17.48 3.70 -28.16
CA THR A 323 18.79 3.10 -28.49
C THR A 323 18.99 1.77 -27.78
N GLU A 324 18.09 1.45 -26.86
CA GLU A 324 18.21 0.24 -26.05
C GLU A 324 19.56 0.17 -25.34
N GLN A 325 20.04 1.31 -24.90
CA GLN A 325 21.27 1.36 -24.13
C GLN A 325 21.11 2.16 -22.82
N LEU A 326 21.36 1.50 -21.71
CA LEU A 326 21.36 2.14 -20.40
C LEU A 326 22.43 1.49 -19.55
N ALA A 327 23.63 2.04 -19.58
CA ALA A 327 24.73 1.45 -18.85
C ALA A 327 24.61 1.66 -17.35
N ASN A 328 24.85 0.60 -16.61
CA ASN A 328 24.99 0.67 -15.15
C ASN A 328 26.03 1.74 -14.86
N TYR A 329 25.73 2.63 -13.91
CA TYR A 329 26.55 3.81 -13.64
C TYR A 329 27.94 3.47 -13.08
N PHE A 330 28.01 2.34 -12.38
CA PHE A 330 29.26 1.88 -11.78
C PHE A 330 29.92 0.82 -12.63
N ILE A 331 29.15 0.11 -13.46
CA ILE A 331 29.71 -0.96 -14.27
C ILE A 331 29.29 -0.82 -15.73
N PRO A 332 30.02 -0.01 -16.50
CA PRO A 332 29.59 0.45 -17.83
C PRO A 332 29.34 -0.68 -18.82
N GLY A 333 30.01 -1.82 -18.63
CA GLY A 333 29.83 -2.98 -19.49
C GLY A 333 28.50 -3.68 -19.31
N VAL A 334 27.79 -3.35 -18.23
CA VAL A 334 26.49 -3.93 -17.99
C VAL A 334 25.37 -3.02 -18.54
N ASN A 335 24.65 -3.52 -19.53
CA ASN A 335 23.56 -2.77 -20.14
C ASN A 335 22.21 -3.16 -19.54
N LEU A 336 21.60 -2.26 -18.77
CA LEU A 336 20.33 -2.57 -18.12
C LEU A 336 19.20 -2.72 -19.15
N PHE A 337 19.39 -2.13 -20.32
CA PHE A 337 18.38 -2.20 -21.38
C PHE A 337 18.72 -3.18 -22.50
N SER A 338 19.50 -4.22 -22.24
CA SER A 338 19.78 -5.20 -23.29
C SER A 338 18.53 -6.05 -23.53
N ARG A 339 18.45 -6.63 -24.72
CA ARG A 339 17.32 -7.50 -25.07
C ARG A 339 17.29 -8.83 -24.31
N ASP A 340 18.40 -9.19 -23.68
CA ASP A 340 18.43 -10.34 -22.79
C ASP A 340 17.52 -10.10 -21.58
N LEU A 341 17.30 -8.84 -21.23
CA LEU A 341 16.57 -8.48 -20.02
C LEU A 341 15.19 -7.92 -20.32
N ILE A 342 15.10 -7.07 -21.33
CA ILE A 342 13.87 -6.38 -21.65
C ILE A 342 13.66 -6.44 -23.15
N ASP A 343 12.55 -7.01 -23.59
CA ASP A 343 12.31 -7.14 -25.02
C ASP A 343 11.99 -5.80 -25.68
N LYS A 344 12.14 -5.76 -27.00
CA LYS A 344 11.94 -4.54 -27.80
C LYS A 344 10.53 -3.91 -27.69
N PRO A 345 9.44 -4.71 -27.82
CA PRO A 345 8.12 -4.07 -27.70
C PRO A 345 7.84 -3.43 -26.33
N SER A 346 8.44 -3.93 -25.25
CA SER A 346 8.28 -3.28 -23.96
C SER A 346 8.87 -1.87 -23.99
N LYS A 347 10.08 -1.74 -24.51
CA LYS A 347 10.69 -0.42 -24.68
C LYS A 347 9.84 0.45 -25.59
N GLU A 348 9.31 -0.15 -26.66
CA GLU A 348 8.46 0.56 -27.61
C GLU A 348 7.22 1.12 -26.93
N PHE A 349 6.54 0.29 -26.16
CA PHE A 349 5.34 0.70 -25.46
C PHE A 349 5.61 1.86 -24.49
N LEU A 350 6.68 1.75 -23.68
CA LEU A 350 7.00 2.80 -22.71
C LEU A 350 7.41 4.11 -23.40
N SER A 351 8.18 3.99 -24.48
CA SER A 351 8.59 5.15 -25.26
C SER A 351 7.36 5.93 -25.70
N LYS A 352 6.41 5.24 -26.32
CA LYS A 352 5.21 5.87 -26.81
C LYS A 352 4.44 6.58 -25.69
N GLN A 353 4.27 5.91 -24.55
CA GLN A 353 3.53 6.52 -23.44
C GLN A 353 4.23 7.74 -22.89
N ILE A 354 5.56 7.66 -22.79
CA ILE A 354 6.32 8.81 -22.29
C ILE A 354 6.27 9.96 -23.30
N GLU A 355 6.35 9.64 -24.59
CA GLU A 355 6.24 10.67 -25.62
C GLU A 355 4.88 11.38 -25.52
N TYR A 356 3.81 10.59 -25.38
CA TYR A 356 2.47 11.15 -25.22
C TYR A 356 2.34 12.05 -23.96
N GLU A 357 2.87 11.60 -22.82
CA GLU A 357 2.83 12.39 -21.59
C GLU A 357 3.58 13.71 -21.75
N ARG A 358 4.76 13.62 -22.36
CA ARG A 358 5.61 14.76 -22.57
C ARG A 358 4.92 15.82 -23.43
N ASN A 359 4.31 15.38 -24.55
CA ASN A 359 3.59 16.29 -25.45
C ASN A 359 2.32 16.91 -24.88
N ASN A 360 1.82 16.38 -23.77
CA ASN A 360 0.59 16.88 -23.17
C ASN A 360 0.73 17.39 -21.75
N GLY A 361 1.95 17.69 -21.32
CA GLY A 361 2.18 18.19 -19.98
C GLY A 361 2.02 17.19 -18.84
N PHE A 362 2.30 15.91 -19.12
CA PHE A 362 2.24 14.86 -18.12
C PHE A 362 0.90 14.74 -17.37
N PRO A 363 -0.20 14.50 -18.10
CA PRO A 363 -1.50 14.31 -17.44
C PRO A 363 -1.54 13.10 -16.49
N VAL A 364 -0.66 12.11 -16.63
CA VAL A 364 -0.65 11.01 -15.65
C VAL A 364 -0.38 11.45 -14.23
N PHE A 365 0.22 12.62 -14.05
CA PHE A 365 0.55 13.11 -12.70
C PHE A 365 -0.71 13.52 -11.93
N TRP A 366 -1.78 13.78 -12.68
CA TRP A 366 -3.00 14.37 -12.13
C TRP A 366 -4.21 13.45 -12.05
N GLY B 4 -3.20 -24.97 17.88
CA GLY B 4 -4.63 -25.00 17.63
C GLY B 4 -5.00 -25.89 16.47
N ALA B 5 -6.02 -26.72 16.65
CA ALA B 5 -6.44 -27.67 15.63
C ALA B 5 -6.98 -27.04 14.35
N TRP B 6 -7.66 -25.90 14.49
CA TRP B 6 -8.25 -25.20 13.33
C TRP B 6 -7.24 -24.60 12.34
N LYS B 7 -5.98 -24.46 12.76
CA LYS B 7 -4.94 -23.83 11.95
C LYS B 7 -5.41 -22.51 11.33
N LEU B 8 -5.93 -21.63 12.18
CA LEU B 8 -6.48 -20.35 11.73
C LEU B 8 -5.41 -19.45 11.12
N GLN B 9 -4.17 -19.58 11.59
CA GLN B 9 -3.07 -18.84 11.01
C GLN B 9 -2.81 -19.25 9.55
N THR B 10 -3.02 -20.54 9.25
CA THR B 10 -2.90 -21.03 7.89
C THR B 10 -4.01 -20.45 7.02
N VAL B 11 -5.20 -20.30 7.60
CA VAL B 11 -6.30 -19.67 6.89
C VAL B 11 -5.97 -18.20 6.61
N LEU B 12 -5.43 -17.52 7.61
CA LEU B 12 -5.06 -16.12 7.46
C LEU B 12 -4.01 -15.89 6.37
N GLU B 13 -3.13 -16.86 6.14
CA GLU B 13 -2.17 -16.71 5.05
C GLU B 13 -2.88 -16.67 3.68
N LYS B 14 -3.89 -17.51 3.49
CA LYS B 14 -4.73 -17.44 2.28
C LYS B 14 -5.39 -16.09 2.15
N VAL B 15 -6.03 -15.62 3.21
N VAL B 15 -6.02 -15.62 3.22
CA VAL B 15 -6.72 -14.33 3.13
CA VAL B 15 -6.70 -14.34 3.19
C VAL B 15 -5.73 -13.17 2.95
C VAL B 15 -5.71 -13.21 2.90
N ARG B 16 -4.51 -13.32 3.46
CA ARG B 16 -3.48 -12.32 3.24
C ARG B 16 -3.15 -12.25 1.75
N LEU B 17 -3.08 -13.42 1.10
CA LEU B 17 -2.84 -13.45 -0.34
C LEU B 17 -3.96 -12.76 -1.12
N SER B 18 -5.20 -12.95 -0.68
CA SER B 18 -6.30 -12.34 -1.41
C SER B 18 -6.27 -10.82 -1.27
N ARG B 19 -5.90 -10.34 -0.08
CA ARG B 19 -5.80 -8.89 0.14
C ARG B 19 -4.77 -8.24 -0.78
N HIS B 20 -3.67 -8.97 -1.05
CA HIS B 20 -2.62 -8.42 -1.89
C HIS B 20 -3.16 -8.09 -3.29
N GLU B 21 -3.94 -9.02 -3.85
CA GLU B 21 -4.56 -8.85 -5.15
C GLU B 21 -5.54 -7.67 -5.14
N ILE B 22 -6.26 -7.53 -4.05
CA ILE B 22 -7.18 -6.40 -3.85
C ILE B 22 -6.45 -5.04 -3.85
N SER B 23 -5.29 -5.00 -3.24
CA SER B 23 -4.46 -3.79 -3.18
C SER B 23 -3.97 -3.38 -4.56
N GLU B 24 -3.61 -4.36 -5.37
CA GLU B 24 -3.15 -4.10 -6.73
C GLU B 24 -4.29 -3.47 -7.55
N ALA B 25 -5.48 -4.06 -7.46
CA ALA B 25 -6.64 -3.49 -8.13
C ALA B 25 -7.00 -2.09 -7.61
N ALA B 26 -6.83 -1.88 -6.30
CA ALA B 26 -7.18 -0.60 -5.67
C ALA B 26 -6.33 0.57 -6.17
N GLU B 27 -5.07 0.26 -6.49
CA GLU B 27 -4.15 1.26 -7.01
C GLU B 27 -4.60 1.76 -8.40
N VAL B 28 -5.08 0.84 -9.23
CA VAL B 28 -5.65 1.15 -10.53
C VAL B 28 -6.93 1.99 -10.37
N VAL B 29 -7.81 1.60 -9.46
CA VAL B 29 -9.03 2.36 -9.15
C VAL B 29 -8.70 3.79 -8.71
N ASN B 30 -7.74 3.90 -7.79
CA ASN B 30 -7.35 5.19 -7.21
C ASN B 30 -6.81 6.21 -8.22
N TRP B 31 -6.02 5.74 -9.18
CA TRP B 31 -5.56 6.58 -10.26
C TRP B 31 -6.73 7.21 -10.99
N VAL B 32 -7.71 6.40 -11.36
CA VAL B 32 -8.89 6.88 -12.05
C VAL B 32 -9.72 7.86 -11.20
N VAL B 33 -9.98 7.50 -9.94
N VAL B 33 -9.98 7.48 -9.95
CA VAL B 33 -10.82 8.34 -9.09
CA VAL B 33 -10.79 8.28 -9.04
C VAL B 33 -10.15 9.66 -8.72
C VAL B 33 -10.14 9.64 -8.76
N GLU B 34 -8.83 9.63 -8.52
CA GLU B 34 -8.13 10.87 -8.23
C GLU B 34 -8.08 11.78 -9.45
N HIS B 35 -7.89 11.20 -10.61
CA HIS B 35 -7.91 11.96 -11.85
C HIS B 35 -9.29 12.63 -12.01
N LEU B 36 -10.36 11.87 -11.77
CA LEU B 36 -11.71 12.39 -11.80
C LEU B 36 -11.94 13.53 -10.80
N LEU B 37 -11.58 13.28 -9.56
CA LEU B 37 -11.76 14.23 -8.48
C LEU B 37 -11.07 15.57 -8.78
N ARG B 38 -9.84 15.51 -9.29
CA ARG B 38 -9.06 16.70 -9.64
C ARG B 38 -9.70 17.52 -10.78
N ARG B 39 -10.31 16.83 -11.75
CA ARG B 39 -11.08 17.50 -12.80
C ARG B 39 -12.30 18.22 -12.19
N LEU B 40 -13.00 17.54 -11.28
CA LEU B 40 -14.11 18.16 -10.57
C LEU B 40 -13.66 19.40 -9.80
N GLN B 41 -12.53 19.29 -9.11
CA GLN B 41 -12.03 20.38 -8.26
C GLN B 41 -11.52 21.56 -9.07
N GLY B 42 -11.17 21.34 -10.32
CA GLY B 42 -10.71 22.42 -11.18
C GLY B 42 -11.81 23.05 -12.01
N GLY B 43 -13.02 22.49 -11.93
CA GLY B 43 -14.15 22.99 -12.70
C GLY B 43 -14.92 24.10 -11.99
N GLU B 44 -16.11 24.40 -12.47
CA GLU B 44 -16.89 25.46 -11.87
C GLU B 44 -18.30 25.03 -11.47
N SER B 45 -18.53 23.72 -11.43
CA SER B 45 -19.82 23.20 -11.00
C SER B 45 -20.00 23.37 -9.49
N GLU B 46 -21.17 22.97 -8.99
CA GLU B 46 -21.46 23.03 -7.57
C GLU B 46 -20.68 21.97 -6.81
N PHE B 47 -20.09 21.03 -7.54
CA PHE B 47 -19.32 19.95 -6.95
C PHE B 47 -17.83 20.23 -6.93
N LYS B 48 -17.43 21.48 -7.17
CA LYS B 48 -16.01 21.82 -7.20
C LYS B 48 -15.36 21.60 -5.82
N GLY B 49 -16.16 21.67 -4.76
CA GLY B 49 -15.68 21.54 -3.39
C GLY B 49 -15.61 20.12 -2.85
N VAL B 50 -15.89 19.13 -3.70
CA VAL B 50 -15.82 17.74 -3.27
C VAL B 50 -14.41 17.34 -2.92
N ALA B 51 -14.30 16.36 -2.01
CA ALA B 51 -13.03 15.80 -1.59
C ALA B 51 -13.22 14.31 -1.34
N LEU B 52 -12.13 13.55 -1.40
CA LEU B 52 -12.18 12.12 -1.16
C LEU B 52 -12.35 11.81 0.35
N LEU B 53 -13.29 10.92 0.65
CA LEU B 53 -13.45 10.43 2.01
C LEU B 53 -12.88 9.00 2.02
N ARG B 54 -11.71 8.79 2.63
CA ARG B 54 -11.04 7.49 2.58
C ARG B 54 -11.52 6.57 3.68
N THR B 55 -12.68 5.97 3.46
CA THR B 55 -13.28 5.10 4.44
C THR B 55 -13.73 3.81 3.80
N GLY B 56 -14.29 2.92 4.60
CA GLY B 56 -14.75 1.65 4.08
C GLY B 56 -13.72 0.55 4.28
N SER B 57 -14.12 -0.67 3.92
CA SER B 57 -13.38 -1.89 4.22
C SER B 57 -11.94 -1.87 3.68
N TYR B 58 -11.74 -1.32 2.48
CA TYR B 58 -10.39 -1.21 1.91
C TYR B 58 -9.43 -0.36 2.76
N TYR B 59 -9.85 0.85 3.12
CA TYR B 59 -9.02 1.70 3.97
C TYR B 59 -8.91 1.22 5.42
N GLU B 60 -9.86 0.39 5.85
CA GLU B 60 -9.81 -0.24 7.16
C GLU B 60 -8.89 -1.46 7.08
N ARG B 61 -8.47 -1.80 5.86
CA ARG B 61 -7.67 -3.00 5.58
C ARG B 61 -8.36 -4.32 6.01
N VAL B 62 -9.68 -4.37 5.85
CA VAL B 62 -10.42 -5.59 6.12
C VAL B 62 -11.29 -6.01 4.93
N LYS B 63 -10.98 -5.48 3.76
CA LYS B 63 -11.60 -5.96 2.53
C LYS B 63 -10.86 -7.22 2.07
N ILE B 64 -11.53 -8.37 2.12
CA ILE B 64 -10.83 -9.63 1.89
C ILE B 64 -11.25 -10.33 0.60
N SER B 65 -12.19 -9.74 -0.11
CA SER B 65 -12.78 -10.35 -1.30
C SER B 65 -13.18 -9.30 -2.34
N ALA B 66 -13.63 -9.75 -3.50
CA ALA B 66 -14.13 -8.87 -4.56
C ALA B 66 -13.17 -7.79 -5.06
N PRO B 67 -11.96 -8.28 -5.60
CA PRO B 67 -11.06 -7.22 -6.10
C PRO B 67 -11.60 -6.49 -7.33
N ASN B 68 -12.69 -7.00 -7.91
CA ASN B 68 -13.35 -6.36 -9.03
C ASN B 68 -14.48 -5.36 -8.64
N GLU B 69 -14.63 -5.09 -7.34
CA GLU B 69 -15.68 -4.19 -6.82
C GLU B 69 -15.20 -3.29 -5.71
N PHE B 70 -15.25 -1.98 -5.92
CA PHE B 70 -14.88 -0.99 -4.91
C PHE B 70 -15.96 0.07 -4.80
N ASP B 71 -16.06 0.68 -3.64
CA ASP B 71 -16.89 1.88 -3.52
C ASP B 71 -16.04 3.00 -3.00
N VAL B 72 -16.38 4.22 -3.41
N VAL B 72 -16.34 4.22 -3.42
CA VAL B 72 -15.59 5.39 -3.03
CA VAL B 72 -15.60 5.38 -2.95
C VAL B 72 -16.54 6.52 -2.64
C VAL B 72 -16.57 6.47 -2.58
N MET B 73 -16.17 7.29 -1.63
CA MET B 73 -17.01 8.39 -1.17
C MET B 73 -16.42 9.76 -1.51
N PHE B 74 -17.23 10.61 -2.17
CA PHE B 74 -16.89 12.01 -2.39
C PHE B 74 -17.68 12.84 -1.39
N LYS B 75 -17.00 13.55 -0.49
CA LYS B 75 -17.71 14.38 0.46
C LYS B 75 -17.86 15.82 -0.01
N LEU B 76 -19.03 16.38 0.24
CA LEU B 76 -19.32 17.77 -0.11
C LEU B 76 -19.83 18.51 1.13
N GLU B 77 -19.02 19.44 1.60
CA GLU B 77 -19.31 20.21 2.80
C GLU B 77 -20.53 21.10 2.63
N VAL B 78 -21.52 20.92 3.49
CA VAL B 78 -22.74 21.73 3.39
C VAL B 78 -23.09 22.39 4.73
N PRO B 79 -23.17 23.73 4.73
CA PRO B 79 -23.46 24.45 5.97
C PRO B 79 -24.95 24.52 6.32
N ARG B 80 -25.22 24.74 7.60
CA ARG B 80 -26.57 25.01 8.15
C ARG B 80 -27.67 24.04 7.70
N ILE B 81 -27.36 22.76 7.71
CA ILE B 81 -28.32 21.73 7.34
C ILE B 81 -29.21 21.39 8.52
N GLN B 82 -30.46 21.06 8.22
CA GLN B 82 -31.40 20.69 9.25
C GLN B 82 -32.07 19.42 8.80
N LEU B 83 -32.05 18.43 9.66
CA LEU B 83 -32.58 17.13 9.32
C LEU B 83 -33.99 16.98 9.88
N GLU B 84 -34.84 16.31 9.11
CA GLU B 84 -36.13 15.90 9.61
C GLU B 84 -36.28 14.40 9.37
N GLU B 85 -36.57 13.65 10.43
CA GLU B 85 -36.74 12.21 10.32
C GLU B 85 -37.92 11.82 9.46
N TYR B 86 -37.66 10.91 8.52
CA TYR B 86 -38.71 10.30 7.71
C TYR B 86 -39.42 9.17 8.44
N CYS B 87 -40.63 9.42 8.95
CA CYS B 87 -41.46 8.36 9.53
C CYS B 87 -40.87 7.63 10.73
N ASN B 88 -40.06 8.31 11.52
CA ASN B 88 -39.51 7.68 12.72
C ASN B 88 -38.63 6.49 12.34
N SER B 89 -38.17 6.46 11.10
CA SER B 89 -37.31 5.37 10.63
C SER B 89 -35.96 5.37 11.34
N GLY B 90 -35.47 6.55 11.64
CA GLY B 90 -34.15 6.73 12.25
C GLY B 90 -32.99 6.62 11.29
N ALA B 91 -33.12 5.75 10.31
CA ALA B 91 -32.21 5.68 9.18
C ALA B 91 -32.27 6.88 8.23
N HIS B 92 -33.49 7.33 7.95
CA HIS B 92 -33.76 8.20 6.81
C HIS B 92 -34.23 9.59 7.15
N TYR B 93 -33.67 10.57 6.46
CA TYR B 93 -33.98 11.96 6.71
C TYR B 93 -34.27 12.75 5.45
N PHE B 94 -35.06 13.80 5.64
CA PHE B 94 -35.17 14.86 4.68
C PHE B 94 -34.14 15.89 5.09
N VAL B 95 -33.51 16.53 4.11
CA VAL B 95 -32.55 17.58 4.38
C VAL B 95 -33.12 18.96 4.07
N LYS B 96 -33.11 19.84 5.07
CA LYS B 96 -33.60 21.21 4.92
C LYS B 96 -32.53 22.23 5.32
N PHE B 97 -32.79 23.49 5.02
CA PHE B 97 -31.89 24.59 5.39
C PHE B 97 -32.60 25.55 6.32
N PRO B 105 -26.64 29.28 -1.24
CA PRO B 105 -25.67 28.19 -1.14
C PRO B 105 -26.35 26.83 -1.27
N LEU B 106 -26.09 26.14 -2.39
CA LEU B 106 -26.73 24.88 -2.76
C LEU B 106 -28.22 25.07 -3.03
N GLU B 107 -28.62 26.34 -3.16
CA GLU B 107 -30.01 26.73 -3.41
C GLU B 107 -30.63 26.07 -4.65
N GLN B 108 -29.82 25.93 -5.70
CA GLN B 108 -30.29 25.44 -6.99
C GLN B 108 -30.88 24.02 -6.94
N PHE B 109 -30.66 23.34 -5.82
CA PHE B 109 -31.06 21.95 -5.67
C PHE B 109 -32.22 21.71 -4.73
N LEU B 110 -32.90 22.76 -4.29
CA LEU B 110 -33.94 22.55 -3.29
C LEU B 110 -35.36 22.84 -3.73
N GLU B 111 -36.27 22.06 -3.17
CA GLU B 111 -37.67 22.14 -3.51
C GLU B 111 -38.52 21.80 -2.29
N GLU B 113 -39.24 23.00 0.56
CA GLU B 113 -37.91 23.52 0.80
C GLU B 113 -36.93 22.42 1.24
N ILE B 114 -36.94 21.31 0.51
CA ILE B 114 -36.11 20.17 0.84
C ILE B 114 -34.98 20.03 -0.17
N LEU B 115 -33.77 19.67 0.28
CA LEU B 115 -32.75 19.43 -0.71
C LEU B 115 -33.10 18.13 -1.39
N SER B 116 -33.17 18.16 -2.70
CA SER B 116 -33.56 16.99 -3.45
C SER B 116 -32.38 16.05 -3.72
N ALA B 117 -32.50 14.82 -3.23
CA ALA B 117 -31.48 13.80 -3.43
C ALA B 117 -31.40 13.35 -4.89
N SER B 118 -32.55 13.16 -5.52
CA SER B 118 -32.57 12.71 -6.91
C SER B 118 -32.00 13.78 -7.83
N LYS B 119 -32.33 15.03 -7.53
CA LYS B 119 -31.86 16.17 -8.32
C LYS B 119 -30.35 16.35 -8.19
N MET B 120 -29.87 16.31 -6.95
CA MET B 120 -28.46 16.49 -6.68
C MET B 120 -27.64 15.34 -7.26
N LEU B 121 -28.18 14.13 -7.19
CA LEU B 121 -27.56 12.95 -7.76
C LEU B 121 -27.57 12.97 -9.31
N SER B 122 -28.66 13.50 -9.89
CA SER B 122 -28.75 13.64 -11.34
C SER B 122 -27.65 14.56 -11.85
N LYS B 123 -27.49 15.69 -11.18
CA LYS B 123 -26.48 16.67 -11.53
C LYS B 123 -25.08 16.09 -11.30
N PHE B 124 -24.93 15.31 -10.24
CA PHE B 124 -23.67 14.65 -9.95
C PHE B 124 -23.28 13.70 -11.07
N ARG B 125 -24.23 12.86 -11.50
N ARG B 125 -24.24 12.89 -11.51
CA ARG B 125 -24.01 11.93 -12.59
CA ARG B 125 -24.03 11.95 -12.60
C ARG B 125 -23.66 12.66 -13.89
C ARG B 125 -23.70 12.65 -13.90
N LYS B 126 -24.36 13.77 -14.15
CA LYS B 126 -24.10 14.57 -15.35
C LYS B 126 -22.67 15.11 -15.38
N ILE B 127 -22.23 15.73 -14.29
CA ILE B 127 -20.88 16.29 -14.25
C ILE B 127 -19.80 15.21 -14.35
N ILE B 128 -20.05 14.07 -13.73
CA ILE B 128 -19.13 12.93 -13.80
C ILE B 128 -19.06 12.36 -15.21
N LYS B 129 -20.22 12.19 -15.83
CA LYS B 129 -20.27 11.73 -17.21
C LYS B 129 -19.50 12.64 -18.16
N GLU B 130 -19.65 13.95 -17.99
CA GLU B 130 -18.91 14.91 -18.82
C GLU B 130 -17.41 14.85 -18.54
N GLU B 131 -17.03 14.73 -17.26
CA GLU B 131 -15.60 14.61 -16.95
C GLU B 131 -14.95 13.32 -17.39
N ILE B 132 -15.68 12.21 -17.35
CA ILE B 132 -15.09 10.96 -17.82
C ILE B 132 -14.90 11.04 -19.33
N LYS B 133 -15.84 11.69 -20.02
CA LYS B 133 -15.72 11.89 -21.45
C LYS B 133 -14.51 12.77 -21.78
N ASN B 134 -14.35 13.84 -21.01
CA ASN B 134 -13.23 14.77 -21.14
C ASN B 134 -11.84 14.17 -20.91
N ILE B 135 -11.76 13.15 -20.07
CA ILE B 135 -10.47 12.60 -19.65
C ILE B 135 -9.83 11.65 -20.68
N GLU B 136 -10.63 11.18 -21.62
CA GLU B 136 -10.19 10.30 -22.70
C GLU B 136 -9.39 9.02 -22.30
N ASP B 137 -9.55 8.55 -21.06
CA ASP B 137 -8.92 7.28 -20.64
C ASP B 137 -9.72 6.15 -21.29
N THR B 138 -9.06 5.37 -22.14
CA THR B 138 -9.72 4.33 -22.96
C THR B 138 -10.22 3.10 -22.21
N GLY B 139 -9.87 2.97 -20.94
CA GLY B 139 -10.33 1.81 -20.20
C GLY B 139 -11.38 2.16 -19.15
N VAL B 140 -11.82 3.42 -19.16
CA VAL B 140 -12.84 3.87 -18.21
C VAL B 140 -14.14 4.27 -18.85
N THR B 141 -15.24 3.70 -18.39
CA THR B 141 -16.56 4.14 -18.84
C THR B 141 -17.53 4.30 -17.67
N VAL B 142 -18.65 4.96 -17.90
CA VAL B 142 -19.67 5.09 -16.88
C VAL B 142 -20.81 4.12 -17.18
N GLU B 143 -21.11 3.25 -16.22
CA GLU B 143 -22.23 2.31 -16.36
C GLU B 143 -23.55 3.07 -16.38
N ARG B 144 -24.54 2.48 -17.03
N ARG B 144 -24.52 2.61 -17.16
CA ARG B 144 -25.85 3.10 -17.19
CA ARG B 144 -25.77 3.36 -17.26
C ARG B 144 -26.64 3.21 -15.89
C ARG B 144 -26.63 3.24 -16.02
N LYS B 145 -27.49 4.22 -15.81
CA LYS B 145 -28.10 4.38 -14.51
C LYS B 145 -28.99 3.19 -14.18
N ARG B 146 -28.96 2.81 -12.91
CA ARG B 146 -29.83 1.78 -12.34
C ARG B 146 -30.79 2.35 -11.28
N ARG B 147 -32.05 1.93 -11.32
CA ARG B 147 -33.06 2.40 -10.36
C ARG B 147 -32.79 1.99 -8.92
N GLY B 148 -32.98 2.93 -8.00
CA GLY B 148 -32.75 2.69 -6.58
C GLY B 148 -31.29 2.55 -6.21
N SER B 149 -30.41 3.09 -7.04
CA SER B 149 -28.97 3.08 -6.73
C SER B 149 -28.43 4.48 -6.43
N PRO B 150 -27.78 4.63 -5.27
CA PRO B 150 -27.17 5.90 -4.85
C PRO B 150 -25.87 6.20 -5.58
N ALA B 151 -25.40 5.26 -6.39
CA ALA B 151 -24.08 5.38 -7.01
C ALA B 151 -24.04 5.82 -8.47
N VAL B 152 -22.94 6.48 -8.81
CA VAL B 152 -22.51 6.62 -10.19
C VAL B 152 -21.39 5.59 -10.31
N THR B 153 -21.62 4.54 -11.08
CA THR B 153 -20.64 3.47 -11.15
C THR B 153 -19.67 3.62 -12.32
N LEU B 154 -18.37 3.51 -12.03
CA LEU B 154 -17.38 3.47 -13.11
C LEU B 154 -17.02 2.03 -13.43
N LEU B 155 -16.83 1.75 -14.72
CA LEU B 155 -16.30 0.48 -15.18
C LEU B 155 -14.88 0.73 -15.69
N ILE B 156 -13.92 0.20 -14.94
CA ILE B 156 -12.51 0.29 -15.31
C ILE B 156 -12.05 -1.07 -15.85
N SER B 157 -11.64 -1.10 -17.10
CA SER B 157 -11.19 -2.32 -17.74
C SER B 157 -9.70 -2.29 -18.09
N LYS B 158 -8.82 -2.68 -17.15
CA LYS B 158 -7.39 -2.55 -17.41
C LYS B 158 -6.53 -3.80 -17.08
N PRO B 159 -6.79 -4.93 -17.75
CA PRO B 159 -7.79 -5.19 -18.80
C PRO B 159 -9.09 -5.77 -18.23
N LYS B 160 -9.09 -6.19 -16.96
CA LYS B 160 -10.26 -6.89 -16.43
C LYS B 160 -11.16 -5.90 -15.71
N GLU B 161 -12.45 -6.15 -15.79
CA GLU B 161 -13.42 -5.16 -15.40
C GLU B 161 -13.57 -5.01 -13.90
N ILE B 162 -13.39 -3.78 -13.45
CA ILE B 162 -13.58 -3.44 -12.06
C ILE B 162 -14.68 -2.38 -12.00
N SER B 163 -15.65 -2.59 -11.12
CA SER B 163 -16.72 -1.63 -10.86
C SER B 163 -16.39 -0.78 -9.65
N VAL B 164 -16.54 0.54 -9.81
CA VAL B 164 -16.30 1.47 -8.72
C VAL B 164 -17.56 2.32 -8.50
N ASP B 165 -18.22 2.13 -7.36
CA ASP B 165 -19.41 2.91 -7.00
C ASP B 165 -18.95 4.23 -6.37
N ILE B 166 -19.28 5.35 -7.01
CA ILE B 166 -18.94 6.64 -6.47
C ILE B 166 -20.17 7.15 -5.76
N ILE B 167 -20.02 7.37 -4.46
CA ILE B 167 -21.10 7.77 -3.61
C ILE B 167 -20.88 9.20 -3.12
N LEU B 168 -21.83 10.08 -3.44
CA LEU B 168 -21.80 11.45 -2.93
C LEU B 168 -22.25 11.46 -1.47
N ALA B 169 -21.48 12.14 -0.62
CA ALA B 169 -21.79 12.21 0.79
C ALA B 169 -21.83 13.67 1.23
N LEU B 170 -22.96 14.10 1.77
CA LEU B 170 -23.05 15.44 2.33
C LEU B 170 -22.44 15.44 3.72
N GLU B 171 -21.60 16.43 4.02
CA GLU B 171 -20.97 16.55 5.33
C GLU B 171 -21.66 17.62 6.19
N SER B 172 -22.13 17.22 7.35
CA SER B 172 -22.79 18.15 8.25
C SER B 172 -22.03 18.28 9.56
N LYS B 173 -21.76 19.52 9.95
CA LYS B 173 -20.96 19.82 11.12
C LYS B 173 -21.81 20.05 12.38
N SER B 174 -23.09 19.77 12.27
CA SER B 174 -24.02 19.84 13.37
C SER B 174 -23.99 18.61 14.29
N SER B 175 -24.65 18.71 15.43
CA SER B 175 -24.87 17.61 16.35
C SER B 175 -25.52 16.41 15.70
N TRP B 176 -25.13 15.23 16.14
CA TRP B 176 -25.72 14.00 15.64
C TRP B 176 -27.23 13.95 15.95
N PRO B 177 -28.03 13.34 15.05
CA PRO B 177 -29.49 13.24 15.22
C PRO B 177 -29.85 12.41 16.45
N ALA B 178 -31.05 12.60 16.97
CA ALA B 178 -31.50 11.92 18.20
C ALA B 178 -31.50 10.38 18.11
N SER B 179 -31.70 9.85 16.91
CA SER B 179 -31.72 8.40 16.69
C SER B 179 -30.37 7.75 17.02
N THR B 180 -29.32 8.55 17.16
CA THR B 180 -27.98 8.04 17.46
C THR B 180 -27.62 8.17 18.95
N GLN B 181 -28.55 8.65 19.77
CA GLN B 181 -28.26 8.96 21.17
C GLN B 181 -27.66 7.77 21.95
N LYS B 182 -28.23 6.59 21.80
CA LYS B 182 -27.68 5.43 22.48
C LYS B 182 -26.76 4.63 21.55
N GLY B 183 -26.34 5.23 20.43
CA GLY B 183 -25.43 4.56 19.54
C GLY B 183 -23.96 4.76 19.91
N LEU B 184 -23.08 4.01 19.26
CA LEU B 184 -21.65 4.04 19.56
C LEU B 184 -21.36 3.77 21.07
N PRO B 185 -21.80 2.61 21.58
CA PRO B 185 -21.68 2.28 23.00
C PRO B 185 -20.26 1.76 23.34
N ILE B 186 -19.30 2.67 23.31
CA ILE B 186 -17.88 2.33 23.43
C ILE B 186 -17.24 2.80 24.75
N SER B 187 -18.06 3.31 25.67
CA SER B 187 -17.57 3.87 26.94
C SER B 187 -16.71 2.91 27.74
N GLN B 188 -17.19 1.69 27.86
CA GLN B 188 -16.49 0.64 28.55
C GLN B 188 -15.23 0.20 27.84
N TRP B 189 -15.26 0.29 26.52
CA TRP B 189 -14.18 -0.22 25.71
C TRP B 189 -13.15 0.85 25.33
N LEU B 190 -13.55 1.83 24.54
CA LEU B 190 -12.64 2.88 24.12
C LEU B 190 -12.66 4.08 25.05
N GLY B 191 -13.74 4.22 25.80
CA GLY B 191 -13.88 5.30 26.74
C GLY B 191 -14.78 6.45 26.32
N ALA B 192 -15.23 7.19 27.33
CA ALA B 192 -16.10 8.35 27.20
C ALA B 192 -15.46 9.54 26.49
N LYS B 193 -14.18 9.79 26.75
CA LYS B 193 -13.51 10.89 26.08
C LYS B 193 -13.43 10.61 24.58
N VAL B 194 -13.04 9.40 24.23
CA VAL B 194 -13.01 9.00 22.82
C VAL B 194 -14.43 9.11 22.24
N LYS B 195 -15.44 8.64 22.98
CA LYS B 195 -16.81 8.72 22.48
C LYS B 195 -17.26 10.16 22.23
N ASN B 196 -17.03 11.04 23.21
N ASN B 196 -17.00 11.06 23.17
CA ASN B 196 -17.36 12.45 23.06
CA ASN B 196 -17.36 12.46 23.01
C ASN B 196 -16.66 13.09 21.85
C ASN B 196 -16.66 13.11 21.83
N ASN B 197 -15.38 12.77 21.67
CA ASN B 197 -14.61 13.28 20.55
C ASN B 197 -15.14 12.80 19.18
N LEU B 198 -15.54 11.54 19.12
CA LEU B 198 -16.11 11.01 17.89
C LEU B 198 -17.48 11.64 17.56
N LYS B 199 -18.30 11.88 18.58
CA LYS B 199 -19.60 12.52 18.37
C LYS B 199 -19.49 14.02 18.07
N ARG B 200 -18.30 14.58 18.24
CA ARG B 200 -18.09 15.96 17.85
C ARG B 200 -17.58 16.08 16.41
N GLN B 201 -17.31 14.94 15.78
CA GLN B 201 -16.99 14.90 14.36
C GLN B 201 -18.25 15.14 13.55
N PRO B 202 -18.09 15.61 12.31
CA PRO B 202 -19.28 15.73 11.47
C PRO B 202 -19.84 14.35 11.16
N PHE B 203 -21.07 14.31 10.67
CA PHE B 203 -21.63 13.08 10.16
C PHE B 203 -21.92 13.25 8.67
N TYR B 204 -22.22 12.14 8.00
CA TYR B 204 -22.46 12.20 6.58
C TYR B 204 -23.86 11.74 6.17
N LEU B 205 -24.31 12.23 5.02
CA LEU B 205 -25.59 11.82 4.44
C LEU B 205 -25.35 11.30 3.03
N VAL B 206 -25.79 10.08 2.78
CA VAL B 206 -25.70 9.51 1.44
C VAL B 206 -27.10 9.26 0.93
N PRO B 207 -27.30 9.39 -0.40
CA PRO B 207 -28.63 9.18 -0.96
C PRO B 207 -29.06 7.74 -0.73
N LYS B 208 -30.15 7.51 -0.03
CA LYS B 208 -30.69 6.17 -0.02
C LYS B 208 -32.16 6.37 0.11
N HIS B 209 -32.89 5.83 -0.84
CA HIS B 209 -34.32 5.97 -0.82
C HIS B 209 -34.92 5.06 0.25
N ALA B 210 -35.94 5.58 0.91
CA ALA B 210 -36.73 4.85 1.88
C ALA B 210 -37.95 4.36 1.12
N LYS B 211 -38.47 3.19 1.46
CA LYS B 211 -39.74 2.77 0.86
C LYS B 211 -40.88 3.61 1.44
N GLU B 212 -41.82 4.05 0.60
CA GLU B 212 -42.98 4.83 1.07
C GLU B 212 -44.27 4.20 0.55
N GLY B 213 -44.13 3.07 -0.13
CA GLY B 213 -45.23 2.43 -0.81
C GLY B 213 -44.65 1.32 -1.66
N SER B 214 -45.33 0.99 -2.75
CA SER B 214 -44.77 0.05 -3.71
C SER B 214 -43.62 0.79 -4.38
N GLY B 215 -43.76 2.11 -4.44
CA GLY B 215 -42.72 3.01 -4.92
C GLY B 215 -42.04 3.67 -3.72
N PHE B 216 -40.72 3.74 -3.79
CA PHE B 216 -39.92 4.23 -2.67
C PHE B 216 -39.85 5.77 -2.65
N GLN B 217 -39.53 6.36 -1.50
CA GLN B 217 -39.36 7.82 -1.40
C GLN B 217 -38.00 8.20 -1.99
N GLU B 218 -38.01 9.00 -3.04
CA GLU B 218 -36.80 9.39 -3.75
C GLU B 218 -35.99 10.52 -3.12
N GLU B 219 -36.57 11.24 -2.17
CA GLU B 219 -35.89 12.42 -1.65
C GLU B 219 -35.20 12.30 -0.30
N THR B 220 -35.18 11.09 0.24
CA THR B 220 -34.60 10.88 1.56
C THR B 220 -33.11 10.57 1.46
N TRP B 221 -32.40 10.73 2.59
CA TRP B 221 -30.97 10.43 2.69
C TRP B 221 -30.78 9.51 3.90
N ARG B 222 -29.75 8.65 3.89
CA ARG B 222 -29.45 7.93 5.13
C ARG B 222 -28.16 8.43 5.76
N LEU B 223 -28.07 8.26 7.08
CA LEU B 223 -26.88 8.63 7.82
C LEU B 223 -25.78 7.66 7.49
N SER B 224 -24.55 8.17 7.48
CA SER B 224 -23.37 7.35 7.33
C SER B 224 -22.34 7.73 8.37
N PHE B 225 -21.77 6.73 9.03
CA PHE B 225 -20.74 6.97 10.03
C PHE B 225 -19.47 6.16 9.67
N SER B 226 -19.24 5.97 8.38
CA SER B 226 -18.12 5.15 7.93
C SER B 226 -16.75 5.64 8.44
N HIS B 227 -16.60 6.95 8.60
CA HIS B 227 -15.36 7.50 9.17
C HIS B 227 -15.16 7.15 10.65
N ILE B 228 -16.26 7.01 11.39
CA ILE B 228 -16.17 6.60 12.79
C ILE B 228 -15.81 5.12 12.89
N GLU B 229 -16.44 4.31 12.04
CA GLU B 229 -16.11 2.89 11.93
C GLU B 229 -14.61 2.70 11.65
N LYS B 230 -14.07 3.51 10.75
CA LYS B 230 -12.66 3.45 10.44
C LYS B 230 -11.84 3.80 11.67
N ASP B 231 -12.20 4.87 12.37
CA ASP B 231 -11.44 5.27 13.54
C ASP B 231 -11.42 4.21 14.65
N ILE B 232 -12.55 3.60 14.94
CA ILE B 232 -12.57 2.61 15.99
C ILE B 232 -11.95 1.26 15.61
N LEU B 233 -11.90 0.95 14.32
CA LEU B 233 -11.07 -0.14 13.81
C LEU B 233 -9.57 0.15 13.86
N LYS B 234 -9.22 1.36 13.48
CA LYS B 234 -7.85 1.86 13.51
C LYS B 234 -7.27 2.00 14.91
N ASN B 235 -8.10 2.46 15.84
CA ASN B 235 -7.66 2.76 17.18
C ASN B 235 -8.55 1.95 18.08
N HIS B 236 -8.31 0.66 18.07
CA HIS B 236 -9.25 -0.33 18.57
C HIS B 236 -8.96 -0.84 19.98
N GLY B 237 -7.85 -0.43 20.58
CA GLY B 237 -7.49 -1.00 21.86
C GLY B 237 -7.93 -0.16 23.04
N GLN B 238 -8.20 -0.83 24.14
CA GLN B 238 -8.45 -0.12 25.38
C GLN B 238 -7.15 0.53 25.90
N SER B 239 -6.05 -0.19 25.74
CA SER B 239 -4.74 0.34 26.06
C SER B 239 -4.19 1.17 24.89
N LYS B 240 -3.42 2.18 25.20
CA LYS B 240 -2.88 3.08 24.17
C LYS B 240 -1.79 2.43 23.35
N THR B 241 -1.26 1.31 23.82
CA THR B 241 -0.22 0.63 23.06
C THR B 241 -0.70 -0.64 22.36
N CYS B 242 -2.02 -0.87 22.34
CA CYS B 242 -2.55 -2.10 21.73
C CYS B 242 -2.07 -2.23 20.28
N CYS B 243 -1.41 -3.36 19.99
CA CYS B 243 -0.86 -3.67 18.67
C CYS B 243 0.30 -2.76 18.24
N GLU B 244 0.77 -1.90 19.14
CA GLU B 244 1.87 -1.05 18.79
C GLU B 244 3.20 -1.79 19.01
N ILE B 245 4.29 -1.24 18.47
CA ILE B 245 5.59 -1.90 18.56
C ILE B 245 5.98 -2.16 20.02
N ASP B 246 5.55 -1.29 20.92
CA ASP B 246 5.87 -1.42 22.34
C ASP B 246 4.67 -1.92 23.17
N GLY B 247 3.70 -2.56 22.53
CA GLY B 247 2.58 -3.10 23.25
C GLY B 247 2.29 -4.57 22.99
N VAL B 248 1.18 -5.06 23.55
CA VAL B 248 0.79 -6.45 23.33
C VAL B 248 -0.14 -6.49 22.10
N LYS B 249 0.05 -7.47 21.21
CA LYS B 249 -0.78 -7.59 20.01
C LYS B 249 -2.10 -8.28 20.33
N CYS B 250 -3.19 -7.71 19.85
CA CYS B 250 -4.49 -8.37 19.98
C CYS B 250 -4.89 -8.99 18.64
N CYS B 251 -5.98 -9.73 18.65
CA CYS B 251 -6.46 -10.39 17.44
C CYS B 251 -7.83 -9.90 16.96
N ARG B 252 -8.23 -8.71 17.38
CA ARG B 252 -9.54 -8.18 17.04
C ARG B 252 -9.76 -8.15 15.52
N LYS B 253 -8.82 -7.57 14.78
CA LYS B 253 -8.98 -7.47 13.33
C LYS B 253 -8.93 -8.84 12.63
N GLU B 254 -8.10 -9.74 13.15
CA GLU B 254 -8.04 -11.08 12.61
C GLU B 254 -9.40 -11.75 12.72
N CYS B 255 -10.10 -11.52 13.84
CA CYS B 255 -11.44 -12.10 14.04
C CYS B 255 -12.44 -11.52 13.06
N LEU B 256 -12.42 -10.20 12.86
CA LEU B 256 -13.33 -9.58 11.90
C LEU B 256 -13.08 -10.13 10.50
N LYS B 257 -11.82 -10.22 10.09
CA LYS B 257 -11.49 -10.77 8.78
C LYS B 257 -11.94 -12.24 8.63
N LEU B 258 -11.73 -13.04 9.67
CA LEU B 258 -12.17 -14.44 9.68
C LEU B 258 -13.68 -14.59 9.63
N MET B 259 -14.41 -13.67 10.26
CA MET B 259 -15.87 -13.72 10.18
C MET B 259 -16.37 -13.39 8.79
N LYS B 260 -15.77 -12.36 8.18
CA LYS B 260 -16.07 -12.02 6.79
C LYS B 260 -15.71 -13.20 5.91
N TYR B 261 -14.60 -13.87 6.22
CA TYR B 261 -14.15 -14.97 5.38
C TYR B 261 -15.11 -16.15 5.45
N LEU B 262 -15.62 -16.42 6.65
CA LEU B 262 -16.58 -17.49 6.89
C LEU B 262 -17.83 -17.29 6.03
N LEU B 263 -18.40 -16.09 6.06
CA LEU B 263 -19.59 -15.79 5.26
C LEU B 263 -19.30 -15.93 3.75
N GLU B 264 -18.16 -15.39 3.30
CA GLU B 264 -17.77 -15.46 1.89
C GLU B 264 -17.56 -16.90 1.41
N GLN B 265 -16.93 -17.73 2.24
CA GLN B 265 -16.69 -19.12 1.91
C GLN B 265 -17.99 -19.92 1.83
N LEU B 266 -18.94 -19.60 2.70
CA LEU B 266 -20.24 -20.22 2.63
C LEU B 266 -20.90 -19.89 1.28
N LYS B 267 -20.77 -18.65 0.83
CA LYS B 267 -21.32 -18.26 -0.47
C LYS B 267 -20.59 -18.97 -1.61
N LYS B 268 -19.29 -19.20 -1.49
CA LYS B 268 -18.59 -19.98 -2.50
C LYS B 268 -19.05 -21.44 -2.47
N LYS B 269 -19.36 -21.95 -1.29
CA LYS B 269 -19.82 -23.33 -1.18
C LYS B 269 -21.25 -23.52 -1.69
N PHE B 270 -22.17 -22.65 -1.29
CA PHE B 270 -23.58 -22.85 -1.60
C PHE B 270 -24.11 -21.98 -2.74
N GLY B 271 -23.28 -21.07 -3.22
CA GLY B 271 -23.70 -20.09 -4.20
C GLY B 271 -24.38 -18.96 -3.47
N ASN B 272 -24.67 -17.86 -4.14
CA ASN B 272 -25.40 -16.78 -3.50
C ASN B 272 -26.91 -16.99 -3.59
N ARG B 273 -27.36 -18.06 -2.94
CA ARG B 273 -28.76 -18.45 -2.91
C ARG B 273 -29.53 -17.51 -2.02
N ARG B 274 -30.85 -17.48 -2.17
CA ARG B 274 -31.68 -16.48 -1.50
C ARG B 274 -31.46 -16.39 0.00
N GLU B 275 -31.16 -17.51 0.66
CA GLU B 275 -30.95 -17.48 2.11
C GLU B 275 -29.67 -16.74 2.47
N LEU B 276 -28.65 -16.86 1.62
CA LEU B 276 -27.36 -16.25 1.93
C LEU B 276 -27.26 -14.84 1.38
N ALA B 277 -28.04 -14.53 0.35
CA ALA B 277 -27.91 -13.26 -0.37
C ALA B 277 -28.32 -12.06 0.47
N LYS B 278 -29.05 -12.31 1.55
CA LYS B 278 -29.51 -11.23 2.40
C LYS B 278 -28.45 -10.81 3.42
N PHE B 279 -27.42 -11.63 3.57
CA PHE B 279 -26.34 -11.33 4.51
C PHE B 279 -25.15 -10.66 3.82
N CYS B 280 -24.58 -9.66 4.46
CA CYS B 280 -23.40 -9.02 3.89
C CYS B 280 -22.38 -8.76 4.98
N SER B 281 -21.21 -8.30 4.55
CA SER B 281 -20.10 -8.08 5.46
C SER B 281 -20.45 -7.01 6.50
N TYR B 282 -21.38 -6.12 6.17
CA TYR B 282 -21.78 -5.10 7.13
C TYR B 282 -22.48 -5.69 8.34
N HIS B 283 -23.17 -6.82 8.14
CA HIS B 283 -23.77 -7.56 9.25
C HIS B 283 -22.70 -8.12 10.19
N VAL B 284 -21.64 -8.70 9.64
CA VAL B 284 -20.65 -9.30 10.54
C VAL B 284 -19.83 -8.20 11.21
N LYS B 285 -19.65 -7.09 10.50
CA LYS B 285 -18.92 -5.95 11.02
C LYS B 285 -19.66 -5.36 12.24
N THR B 286 -20.98 -5.22 12.09
CA THR B 286 -21.84 -4.74 13.15
C THR B 286 -21.83 -5.70 14.35
N ALA B 287 -21.99 -7.00 14.08
CA ALA B 287 -21.91 -8.01 15.13
C ALA B 287 -20.55 -7.93 15.85
N PHE B 288 -19.50 -7.71 15.08
CA PHE B 288 -18.15 -7.59 15.61
C PHE B 288 -17.99 -6.41 16.59
N PHE B 289 -18.52 -5.24 16.22
CA PHE B 289 -18.52 -4.09 17.12
C PHE B 289 -19.26 -4.43 18.40
N HIS B 290 -20.36 -5.16 18.32
CA HIS B 290 -21.06 -5.52 19.56
C HIS B 290 -20.23 -6.45 20.46
N VAL B 291 -19.44 -7.34 19.86
CA VAL B 291 -18.57 -8.22 20.62
C VAL B 291 -17.47 -7.40 21.29
N CYS B 292 -17.00 -6.37 20.59
CA CYS B 292 -16.02 -5.45 21.17
C CYS B 292 -16.56 -4.70 22.39
N THR B 293 -17.84 -4.37 22.36
CA THR B 293 -18.50 -3.74 23.50
C THR B 293 -18.67 -4.75 24.62
N GLN B 294 -19.09 -5.96 24.25
CA GLN B 294 -19.31 -7.00 25.22
C GLN B 294 -17.99 -7.48 25.87
N ASP B 295 -16.91 -7.51 25.08
CA ASP B 295 -15.58 -7.92 25.57
C ASP B 295 -14.57 -6.79 25.37
N PRO B 296 -14.60 -5.81 26.28
CA PRO B 296 -13.87 -4.55 26.05
C PRO B 296 -12.38 -4.62 26.37
N HIS B 297 -11.93 -5.67 27.04
CA HIS B 297 -10.54 -5.69 27.54
C HIS B 297 -9.55 -6.31 26.55
N ASP B 298 -8.40 -5.65 26.38
CA ASP B 298 -7.40 -6.10 25.43
C ASP B 298 -6.96 -7.55 25.74
N ASN B 299 -6.85 -7.87 27.02
CA ASN B 299 -6.40 -9.20 27.42
C ASN B 299 -7.40 -10.31 27.08
N GLN B 300 -8.63 -9.92 26.75
CA GLN B 300 -9.58 -10.87 26.23
C GLN B 300 -9.26 -11.24 24.78
N TRP B 301 -8.41 -10.43 24.15
CA TRP B 301 -8.15 -10.57 22.73
C TRP B 301 -6.70 -10.88 22.36
N HIS B 302 -5.93 -11.54 23.24
CA HIS B 302 -4.51 -11.78 22.95
C HIS B 302 -4.31 -12.52 21.64
N LEU B 303 -3.32 -12.09 20.86
CA LEU B 303 -3.06 -12.72 19.56
C LEU B 303 -2.89 -14.25 19.68
N LYS B 304 -2.24 -14.71 20.75
CA LYS B 304 -2.13 -16.15 21.01
C LYS B 304 -3.46 -16.88 21.20
N ASN B 305 -4.49 -16.13 21.61
N ASN B 305 -4.48 -16.15 21.63
CA ASN B 305 -5.81 -16.68 21.93
CA ASN B 305 -5.77 -16.76 21.90
C ASN B 305 -6.77 -16.67 20.73
C ASN B 305 -6.76 -16.59 20.75
N LEU B 306 -6.22 -16.57 19.52
CA LEU B 306 -7.03 -16.40 18.31
C LEU B 306 -8.20 -17.38 18.10
N GLU B 307 -7.94 -18.67 18.19
CA GLU B 307 -8.99 -19.69 18.02
C GLU B 307 -10.21 -19.51 18.94
N CYS B 308 -9.94 -19.30 20.24
CA CYS B 308 -10.98 -19.06 21.23
C CYS B 308 -11.74 -17.73 21.00
N CYS B 309 -11.03 -16.67 20.63
CA CYS B 309 -11.67 -15.39 20.29
C CYS B 309 -12.58 -15.49 19.08
N PHE B 310 -12.11 -16.17 18.05
CA PHE B 310 -12.91 -16.35 16.86
C PHE B 310 -14.14 -17.18 17.20
N ASP B 311 -13.98 -18.15 18.09
CA ASP B 311 -15.11 -18.98 18.50
C ASP B 311 -16.16 -18.15 19.23
N ASN B 312 -15.71 -17.21 20.06
CA ASN B 312 -16.62 -16.28 20.73
C ASN B 312 -17.38 -15.39 19.73
N CYS B 313 -16.70 -14.90 18.69
CA CYS B 313 -17.36 -14.07 17.68
C CYS B 313 -18.42 -14.87 16.94
N VAL B 314 -18.09 -16.10 16.58
CA VAL B 314 -19.05 -16.96 15.87
C VAL B 314 -20.26 -17.24 16.77
N ALA B 315 -19.99 -17.59 18.03
CA ALA B 315 -21.07 -17.87 18.99
C ALA B 315 -22.01 -16.66 19.13
N TYR B 316 -21.44 -15.46 19.20
CA TYR B 316 -22.23 -14.25 19.34
C TYR B 316 -23.12 -14.04 18.10
N PHE B 317 -22.55 -14.21 16.92
CA PHE B 317 -23.29 -14.05 15.68
C PHE B 317 -24.43 -15.08 15.60
N LEU B 318 -24.13 -16.31 16.03
CA LEU B 318 -25.14 -17.37 16.14
C LEU B 318 -26.31 -16.97 17.05
N GLN B 319 -25.99 -16.28 18.14
CA GLN B 319 -27.02 -15.76 19.03
C GLN B 319 -27.84 -14.64 18.37
N CYS B 320 -27.19 -13.78 17.60
CA CYS B 320 -27.94 -12.76 16.87
C CYS B 320 -28.91 -13.38 15.87
N LEU B 321 -28.50 -14.49 15.25
CA LEU B 321 -29.34 -15.16 14.28
C LEU B 321 -30.58 -15.78 14.88
N LYS B 322 -30.41 -16.41 16.05
CA LYS B 322 -31.52 -17.08 16.72
C LYS B 322 -32.52 -16.10 17.35
N THR B 323 -32.01 -15.07 18.02
CA THR B 323 -32.87 -14.05 18.62
C THR B 323 -33.35 -13.05 17.59
N GLU B 324 -32.80 -13.13 16.38
CA GLU B 324 -33.14 -12.21 15.30
C GLU B 324 -32.94 -10.76 15.71
N GLN B 325 -31.89 -10.52 16.50
CA GLN B 325 -31.59 -9.16 16.91
C GLN B 325 -30.15 -8.76 16.56
N LEU B 326 -30.02 -7.75 15.72
CA LEU B 326 -28.73 -7.19 15.36
C LEU B 326 -28.87 -5.70 15.14
N ALA B 327 -28.78 -4.93 16.21
CA ALA B 327 -28.94 -3.48 16.11
C ALA B 327 -27.79 -2.79 15.39
N ASN B 328 -28.14 -1.84 14.54
CA ASN B 328 -27.15 -0.95 13.96
C ASN B 328 -26.34 -0.29 15.09
N TYR B 329 -25.01 -0.27 14.95
CA TYR B 329 -24.13 0.16 16.03
C TYR B 329 -24.29 1.65 16.40
N PHE B 330 -24.70 2.46 15.43
CA PHE B 330 -24.89 3.90 15.62
C PHE B 330 -26.33 4.29 15.82
N ILE B 331 -27.24 3.48 15.29
CA ILE B 331 -28.68 3.77 15.36
C ILE B 331 -29.38 2.53 15.91
N PRO B 332 -29.41 2.40 17.23
CA PRO B 332 -29.85 1.17 17.90
C PRO B 332 -31.31 0.79 17.64
N GLY B 333 -32.16 1.76 17.31
CA GLY B 333 -33.55 1.48 17.02
C GLY B 333 -33.76 0.75 15.69
N VAL B 334 -32.73 0.73 14.87
CA VAL B 334 -32.77 0.00 13.60
C VAL B 334 -32.22 -1.41 13.76
N ASN B 335 -33.07 -2.40 13.55
CA ASN B 335 -32.66 -3.79 13.64
C ASN B 335 -32.34 -4.39 12.26
N LEU B 336 -31.06 -4.67 12.02
CA LEU B 336 -30.63 -5.18 10.72
C LEU B 336 -31.17 -6.59 10.46
N PHE B 337 -31.53 -7.30 11.53
CA PHE B 337 -32.12 -8.64 11.42
C PHE B 337 -33.65 -8.69 11.65
N SER B 338 -34.37 -7.61 11.36
CA SER B 338 -35.83 -7.68 11.50
C SER B 338 -36.41 -8.54 10.38
N ARG B 339 -37.62 -9.05 10.58
CA ARG B 339 -38.30 -9.83 9.55
C ARG B 339 -38.68 -9.01 8.32
N ASP B 340 -38.65 -7.69 8.46
CA ASP B 340 -38.85 -6.80 7.33
C ASP B 340 -37.72 -6.90 6.31
N LEU B 341 -36.53 -7.29 6.76
CA LEU B 341 -35.35 -7.33 5.90
C LEU B 341 -34.89 -8.76 5.61
N ILE B 342 -34.96 -9.63 6.62
CA ILE B 342 -34.50 -11.00 6.50
C ILE B 342 -35.50 -11.95 7.13
N ASP B 343 -36.05 -12.86 6.34
CA ASP B 343 -37.05 -13.79 6.86
C ASP B 343 -36.43 -14.87 7.73
N LYS B 344 -37.28 -15.53 8.52
CA LYS B 344 -36.87 -16.57 9.46
C LYS B 344 -36.09 -17.74 8.81
N PRO B 345 -36.61 -18.31 7.71
CA PRO B 345 -35.86 -19.45 7.14
C PRO B 345 -34.44 -19.10 6.68
N SER B 346 -34.20 -17.86 6.28
CA SER B 346 -32.86 -17.40 5.90
C SER B 346 -31.90 -17.44 7.08
N LYS B 347 -32.34 -16.92 8.22
CA LYS B 347 -31.57 -16.98 9.45
C LYS B 347 -31.30 -18.42 9.84
N GLU B 348 -32.33 -19.25 9.72
CA GLU B 348 -32.24 -20.67 10.04
C GLU B 348 -31.22 -21.39 9.18
N PHE B 349 -31.22 -21.11 7.88
CA PHE B 349 -30.25 -21.72 6.98
C PHE B 349 -28.81 -21.34 7.35
N LEU B 350 -28.57 -20.07 7.58
CA LEU B 350 -27.22 -19.62 7.91
C LEU B 350 -26.79 -20.19 9.27
N SER B 351 -27.70 -20.16 10.23
CA SER B 351 -27.45 -20.71 11.56
C SER B 351 -27.01 -22.18 11.48
N LYS B 352 -27.79 -22.98 10.76
CA LYS B 352 -27.47 -24.39 10.59
C LYS B 352 -26.07 -24.60 9.99
N GLN B 353 -25.75 -23.86 8.92
CA GLN B 353 -24.45 -23.97 8.29
C GLN B 353 -23.30 -23.55 9.22
N ILE B 354 -23.50 -22.45 9.96
CA ILE B 354 -22.47 -21.98 10.85
C ILE B 354 -22.25 -22.95 12.02
N GLU B 355 -23.34 -23.50 12.56
CA GLU B 355 -23.21 -24.51 13.59
C GLU B 355 -22.49 -25.73 13.05
N TYR B 356 -22.82 -26.15 11.83
CA TYR B 356 -22.11 -27.26 11.23
C TYR B 356 -20.61 -27.00 11.11
N GLU B 357 -20.25 -25.82 10.62
CA GLU B 357 -18.84 -25.42 10.47
C GLU B 357 -18.12 -25.35 11.81
N ARG B 358 -18.78 -24.73 12.79
CA ARG B 358 -18.21 -24.58 14.11
C ARG B 358 -17.89 -25.95 14.72
N ASN B 359 -18.86 -26.85 14.62
CA ASN B 359 -18.73 -28.20 15.17
C ASN B 359 -17.73 -29.10 14.44
N ASN B 360 -17.28 -28.70 13.26
CA ASN B 360 -16.34 -29.54 12.50
C ASN B 360 -15.00 -28.89 12.18
N GLY B 361 -14.63 -27.85 12.93
CA GLY B 361 -13.38 -27.17 12.73
C GLY B 361 -13.31 -26.33 11.47
N PHE B 362 -14.47 -25.86 11.01
CA PHE B 362 -14.55 -24.99 9.84
C PHE B 362 -13.92 -25.53 8.56
N PRO B 363 -14.40 -26.69 8.07
CA PRO B 363 -13.89 -27.22 6.81
C PRO B 363 -14.07 -26.29 5.59
N VAL B 364 -15.05 -25.38 5.59
CA VAL B 364 -15.19 -24.42 4.48
C VAL B 364 -13.98 -23.53 4.30
N PHE B 365 -13.15 -23.42 5.32
CA PHE B 365 -11.96 -22.59 5.21
C PHE B 365 -10.95 -23.25 4.27
N TRP B 366 -11.07 -24.57 4.07
CA TRP B 366 -10.09 -25.37 3.33
C TRP B 366 -10.62 -25.87 1.99
#